data_3ROL
#
_entry.id   3ROL
#
_cell.length_a   50.466
_cell.length_b   88.496
_cell.length_c   119.050
_cell.angle_alpha   90.00
_cell.angle_beta   94.71
_cell.angle_gamma   90.00
#
_symmetry.space_group_name_H-M   'P 1 21 1'
#
loop_
_entity.id
_entity.type
_entity.pdbx_description
1 polymer 'H-2 class I histocompatibility antigen, K-B alpha chain'
2 polymer Beta-2-microglobulin
3 polymer 'Pre-glycoprotein polyprotein GP complex'
4 non-polymer 'PHOSPHATE ION'
5 non-polymer GLYCEROL
6 non-polymer (4S)-2-METHYL-2,4-PENTANEDIOL
7 water water
#
loop_
_entity_poly.entity_id
_entity_poly.type
_entity_poly.pdbx_seq_one_letter_code
_entity_poly.pdbx_strand_id
1 'polypeptide(L)'
;GPHSLRYFVTAVSRPGLGEPRYMEVGYVDDTEFVRFDSDAENPRYEPRARWMEQEGPEYWERETQKAKGNEQSFRVDLRT
LLGYYNQSKGGSHTIQVISGCEVGSDGRLLRGYQQYAYDGCDYIALNEDLKTWTAADMAALITKHKWEQAGEAERLRAYL
EGTCVEWLRRYLKNGNATLLRTDSPKAHVTHHSRPEDKVTLRCWALGFYPADITLTWQLNGEELIQDMELVETRPAGDGT
FQKWASVVVPLGKEQYYTCHVYHQGLPEPLTLRWE
;
A,C
2 'polypeptide(L)'
;IQKTPQIQVYSRHPPENGKPNILNCYVTQFHPPHIEIQMLKNGKKIPKVEMSDMSFSKDWSFYILAHTEFTPTETDTYAC
RVKHDSMAEPKTVYWDRDM
;
B,D
3 'polypeptide(L)' AV(NIY)NFATM E,F
#
# COMPACT_ATOMS: atom_id res chain seq x y z
N GLY A 1 4.52 0.08 4.30
CA GLY A 1 4.25 0.09 2.82
C GLY A 1 4.76 -1.17 2.12
N PRO A 2 4.44 -1.29 0.83
CA PRO A 2 4.98 -2.38 0.04
C PRO A 2 6.39 -2.00 -0.42
N HIS A 3 7.20 -3.01 -0.75
CA HIS A 3 8.58 -2.79 -1.23
C HIS A 3 8.93 -3.64 -2.41
N SER A 4 10.02 -3.26 -3.07
CA SER A 4 10.47 -3.93 -4.29
C SER A 4 11.93 -4.27 -4.24
N LEU A 5 12.27 -5.41 -4.84
CA LEU A 5 13.62 -5.70 -5.31
C LEU A 5 13.57 -5.66 -6.84
N ARG A 6 14.45 -4.87 -7.47
CA ARG A 6 14.49 -4.79 -8.94
C ARG A 6 15.91 -4.97 -9.47
N TYR A 7 16.06 -5.77 -10.51
CA TYR A 7 17.31 -5.77 -11.27
C TYR A 7 17.05 -5.19 -12.64
N PHE A 8 17.80 -4.14 -12.97
CA PHE A 8 17.84 -3.67 -14.36
C PHE A 8 19.06 -4.29 -15.01
N VAL A 9 18.83 -5.04 -16.09
CA VAL A 9 19.89 -5.79 -16.76
C VAL A 9 20.04 -5.32 -18.19
N THR A 10 21.28 -5.10 -18.61
CA THR A 10 21.58 -4.62 -19.96
C THR A 10 22.82 -5.28 -20.55
N ALA A 11 22.68 -5.82 -21.75
CA ALA A 11 23.80 -6.34 -22.54
C ALA A 11 23.80 -5.58 -23.82
N VAL A 12 24.97 -5.07 -24.21
CA VAL A 12 25.13 -4.21 -25.38
C VAL A 12 26.31 -4.68 -26.25
N SER A 13 26.01 -5.22 -27.43
CA SER A 13 27.08 -5.65 -28.34
C SER A 13 27.87 -4.42 -28.85
N ARG A 14 29.18 -4.61 -29.01
CA ARG A 14 30.05 -3.60 -29.61
C ARG A 14 30.96 -4.31 -30.60
N PRO A 15 30.43 -4.61 -31.81
CA PRO A 15 31.17 -5.35 -32.84
C PRO A 15 32.40 -4.60 -33.31
N GLY A 16 33.55 -5.26 -33.24
CA GLY A 16 34.82 -4.65 -33.60
C GLY A 16 35.56 -4.13 -32.40
N LEU A 17 34.84 -3.86 -31.33
CA LEU A 17 35.47 -3.36 -30.11
C LEU A 17 35.46 -4.43 -29.02
N GLY A 18 35.12 -5.68 -29.38
CA GLY A 18 35.20 -6.79 -28.43
C GLY A 18 33.88 -7.28 -27.84
N GLU A 19 33.97 -7.86 -26.65
CA GLU A 19 32.82 -8.52 -26.03
C GLU A 19 31.73 -7.53 -25.63
N PRO A 20 30.47 -7.99 -25.58
CA PRO A 20 29.38 -7.09 -25.18
C PRO A 20 29.55 -6.53 -23.77
N ARG A 21 29.09 -5.32 -23.54
CA ARG A 21 29.10 -4.77 -22.20
C ARG A 21 27.91 -5.30 -21.42
N TYR A 22 28.17 -5.83 -20.23
CA TYR A 22 27.13 -6.38 -19.41
C TYR A 22 27.03 -5.66 -18.09
N MET A 23 25.82 -5.17 -17.79
CA MET A 23 25.53 -4.51 -16.52
C MET A 23 24.31 -5.09 -15.85
N GLU A 24 24.42 -5.34 -14.55
CA GLU A 24 23.25 -5.61 -13.71
C GLU A 24 23.26 -4.60 -12.60
N VAL A 25 22.17 -3.84 -12.48
CA VAL A 25 21.98 -2.89 -11.38
C VAL A 25 20.73 -3.23 -10.57
N GLY A 26 20.90 -3.43 -9.27
CA GLY A 26 19.79 -3.79 -8.41
C GLY A 26 19.31 -2.65 -7.53
N TYR A 27 18.01 -2.54 -7.35
CA TYR A 27 17.44 -1.58 -6.39
C TYR A 27 16.55 -2.30 -5.39
N VAL A 28 16.57 -1.82 -4.15
CA VAL A 28 15.46 -2.05 -3.24
C VAL A 28 14.68 -0.74 -3.20
N ASP A 29 13.40 -0.81 -3.56
CA ASP A 29 12.56 0.36 -3.68
C ASP A 29 13.23 1.32 -4.66
N ASP A 30 13.57 2.53 -4.22
CA ASP A 30 14.19 3.55 -5.09
C ASP A 30 15.67 3.69 -4.83
N THR A 31 16.24 2.75 -4.08
CA THR A 31 17.63 2.84 -3.70
C THR A 31 18.47 1.80 -4.44
N GLU A 32 19.46 2.29 -5.21
CA GLU A 32 20.47 1.41 -5.80
C GLU A 32 21.30 0.75 -4.70
N PHE A 33 21.40 -0.58 -4.72
CA PHE A 33 22.16 -1.32 -3.67
C PHE A 33 23.22 -2.30 -4.19
N VAL A 34 23.11 -2.75 -5.44
CA VAL A 34 24.14 -3.58 -6.01
C VAL A 34 24.38 -3.30 -7.49
N ARG A 35 25.55 -3.69 -7.99
CA ARG A 35 25.94 -3.45 -9.36
C ARG A 35 27.10 -4.37 -9.79
N PHE A 36 26.95 -4.92 -10.99
CA PHE A 36 28.03 -5.60 -11.70
C PHE A 36 28.17 -4.90 -13.06
N ASP A 37 29.40 -4.65 -13.47
CA ASP A 37 29.69 -4.04 -14.79
C ASP A 37 30.88 -4.76 -15.38
N SER A 38 30.67 -5.38 -16.53
CA SER A 38 31.74 -6.14 -17.20
C SER A 38 32.93 -5.28 -17.62
N ASP A 39 32.74 -3.95 -17.66
CA ASP A 39 33.81 -3.01 -18.02
C ASP A 39 34.62 -2.47 -16.83
N ALA A 40 34.26 -2.89 -15.62
CA ALA A 40 35.04 -2.55 -14.43
C ALA A 40 36.38 -3.25 -14.55
N GLU A 41 37.37 -2.75 -13.79
CA GLU A 41 38.75 -3.26 -13.85
C GLU A 41 38.77 -4.77 -13.79
N ASN A 42 38.14 -5.33 -12.76
CA ASN A 42 38.02 -6.77 -12.55
C ASN A 42 36.59 -7.01 -12.13
N PRO A 43 35.74 -7.42 -13.08
CA PRO A 43 34.30 -7.37 -12.86
C PRO A 43 33.79 -8.32 -11.77
N ARG A 44 33.14 -7.77 -10.76
CA ARG A 44 32.45 -8.54 -9.75
C ARG A 44 31.32 -7.73 -9.15
N TYR A 45 30.33 -8.40 -8.56
CA TYR A 45 29.27 -7.70 -7.84
C TYR A 45 29.90 -6.84 -6.76
N GLU A 46 29.39 -5.63 -6.59
CA GLU A 46 29.86 -4.71 -5.58
C GLU A 46 28.66 -4.11 -4.86
N PRO A 47 28.84 -3.69 -3.61
CA PRO A 47 27.75 -3.03 -2.93
C PRO A 47 27.68 -1.58 -3.41
N ARG A 48 26.46 -1.06 -3.47
CA ARG A 48 26.19 0.33 -3.79
C ARG A 48 25.49 1.01 -2.64
N ALA A 49 25.15 0.23 -1.61
CA ALA A 49 24.51 0.72 -0.40
C ALA A 49 25.37 0.23 0.78
N ARG A 50 25.58 1.11 1.77
CA ARG A 50 26.46 0.83 2.92
C ARG A 50 26.04 -0.42 3.71
N TRP A 51 24.74 -0.59 3.85
CA TRP A 51 24.17 -1.72 4.57
C TRP A 51 24.51 -3.07 3.93
N MET A 52 24.93 -3.05 2.66
CA MET A 52 25.30 -4.31 1.99
C MET A 52 26.73 -4.74 2.33
N GLU A 53 27.47 -3.87 3.00
CA GLU A 53 28.79 -4.27 3.51
C GLU A 53 28.67 -5.39 4.55
N GLN A 54 27.50 -5.47 5.23
CA GLN A 54 27.21 -6.58 6.14
C GLN A 54 27.42 -7.93 5.48
N GLU A 55 26.95 -8.07 4.24
CA GLU A 55 26.93 -9.39 3.58
C GLU A 55 28.31 -9.93 3.43
N GLY A 56 28.45 -11.23 3.64
CA GLY A 56 29.77 -11.85 3.61
C GLY A 56 30.26 -12.21 2.21
N PRO A 57 31.57 -12.54 2.13
CA PRO A 57 32.26 -13.10 0.96
C PRO A 57 31.51 -14.16 0.16
N GLU A 58 30.79 -15.07 0.82
CA GLU A 58 30.04 -16.08 0.08
C GLU A 58 28.95 -15.42 -0.78
N TYR A 59 28.25 -14.42 -0.23
CA TYR A 59 27.19 -13.73 -0.97
C TYR A 59 27.78 -13.10 -2.24
N TRP A 60 28.85 -12.34 -2.08
CA TRP A 60 29.48 -11.63 -3.21
C TRP A 60 30.06 -12.58 -4.25
N GLU A 61 30.52 -13.74 -3.81
CA GLU A 61 31.04 -14.73 -4.72
C GLU A 61 29.89 -15.36 -5.49
N ARG A 62 28.80 -15.64 -4.79
CA ARG A 62 27.67 -16.34 -5.40
C ARG A 62 26.95 -15.46 -6.39
N GLU A 63 26.80 -14.18 -6.06
CA GLU A 63 26.18 -13.22 -6.96
C GLU A 63 27.07 -12.90 -8.16
N THR A 64 28.37 -12.82 -7.93
CA THR A 64 29.34 -12.53 -8.98
C THR A 64 29.36 -13.64 -10.05
N GLN A 65 29.41 -14.89 -9.61
CA GLN A 65 29.45 -15.99 -10.58
C GLN A 65 28.10 -16.12 -11.27
N LYS A 66 27.02 -15.85 -10.57
CA LYS A 66 25.70 -15.74 -11.22
C LYS A 66 25.74 -14.65 -12.29
N ALA A 67 26.29 -13.51 -11.90
CA ALA A 67 26.46 -12.39 -12.82
C ALA A 67 27.24 -12.79 -14.10
N LYS A 68 28.36 -13.49 -13.90
CA LYS A 68 29.23 -13.92 -14.98
C LYS A 68 28.61 -14.97 -15.87
N GLY A 69 27.78 -15.83 -15.31
CA GLY A 69 26.97 -16.74 -16.13
C GLY A 69 26.00 -15.96 -17.01
N ASN A 70 25.23 -15.06 -16.40
CA ASN A 70 24.30 -14.24 -17.15
C ASN A 70 24.99 -13.47 -18.27
N GLU A 71 26.16 -12.90 -17.99
CA GLU A 71 26.91 -12.20 -19.04
C GLU A 71 27.09 -13.07 -20.28
N GLN A 72 27.38 -14.36 -20.04
CA GLN A 72 27.59 -15.32 -21.11
C GLN A 72 26.26 -15.62 -21.76
N SER A 73 25.25 -15.79 -20.93
CA SER A 73 23.92 -16.12 -21.39
C SER A 73 23.40 -15.04 -22.33
N PHE A 74 23.59 -13.78 -21.96
CA PHE A 74 23.16 -12.65 -22.80
C PHE A 74 24.05 -12.46 -24.00
N ARG A 75 25.33 -12.82 -23.86
CA ARG A 75 26.23 -12.89 -25.00
C ARG A 75 25.58 -13.76 -26.09
N VAL A 76 25.09 -14.94 -25.71
CA VAL A 76 24.51 -15.88 -26.65
C VAL A 76 23.18 -15.35 -27.23
N ASP A 77 22.37 -14.74 -26.38
CA ASP A 77 21.10 -14.15 -26.82
C ASP A 77 21.31 -13.10 -27.88
N LEU A 78 22.26 -12.22 -27.68
CA LEU A 78 22.60 -11.23 -28.72
C LEU A 78 22.88 -11.91 -30.07
N ARG A 79 23.72 -12.95 -30.07
CA ARG A 79 23.99 -13.71 -31.30
C ARG A 79 22.74 -14.43 -31.80
N THR A 80 21.98 -14.99 -30.87
CA THR A 80 20.75 -15.65 -31.24
C THR A 80 19.77 -14.69 -31.90
N LEU A 81 19.55 -13.53 -31.30
CA LEU A 81 18.58 -12.57 -31.83
C LEU A 81 18.94 -12.01 -33.23
N LEU A 82 20.25 -11.87 -33.53
CA LEU A 82 20.67 -11.55 -34.89
C LEU A 82 20.05 -12.57 -35.86
N GLY A 83 20.14 -13.83 -35.51
CA GLY A 83 19.49 -14.87 -36.30
C GLY A 83 18.00 -14.64 -36.36
N TYR A 84 17.37 -14.50 -35.20
CA TYR A 84 15.90 -14.36 -35.17
C TYR A 84 15.40 -13.22 -36.06
N TYR A 85 16.16 -12.13 -36.10
CA TYR A 85 15.78 -10.91 -36.85
C TYR A 85 16.57 -10.71 -38.16
N ASN A 86 17.32 -11.74 -38.58
CA ASN A 86 18.07 -11.67 -39.83
C ASN A 86 18.83 -10.37 -39.93
N GLN A 87 19.58 -10.08 -38.85
CA GLN A 87 20.31 -8.85 -38.74
C GLN A 87 21.78 -9.03 -39.06
N SER A 88 22.36 -8.01 -39.69
CA SER A 88 23.80 -7.93 -39.90
C SER A 88 24.53 -8.12 -38.58
N LYS A 89 25.79 -8.57 -38.68
CA LYS A 89 26.62 -8.89 -37.53
C LYS A 89 27.60 -7.78 -37.23
N GLY A 90 27.37 -6.59 -37.79
CA GLY A 90 28.25 -5.44 -37.56
C GLY A 90 27.67 -4.25 -36.81
N GLY A 91 26.38 -4.32 -36.48
CA GLY A 91 25.71 -3.25 -35.70
C GLY A 91 25.65 -3.58 -34.21
N SER A 92 25.66 -2.55 -33.38
CA SER A 92 25.46 -2.71 -31.94
C SER A 92 23.98 -2.87 -31.64
N HIS A 93 23.63 -3.85 -30.79
CA HIS A 93 22.22 -4.04 -30.34
C HIS A 93 22.13 -4.15 -28.82
N THR A 94 20.92 -3.92 -28.28
CA THR A 94 20.71 -3.98 -26.83
C THR A 94 19.65 -5.01 -26.43
N ILE A 95 19.97 -5.81 -25.42
CA ILE A 95 18.94 -6.53 -24.67
C ILE A 95 18.83 -5.88 -23.31
N GLN A 96 17.58 -5.63 -22.88
CA GLN A 96 17.29 -5.13 -21.55
C GLN A 96 16.40 -6.08 -20.78
N VAL A 97 16.65 -6.21 -19.48
CA VAL A 97 15.78 -7.00 -18.62
C VAL A 97 15.41 -6.25 -17.34
N ILE A 98 14.12 -6.27 -17.05
CA ILE A 98 13.61 -5.85 -15.76
C ILE A 98 13.10 -7.11 -15.09
N SER A 99 13.69 -7.41 -13.94
CA SER A 99 13.36 -8.60 -13.19
C SER A 99 13.31 -8.24 -11.72
N GLY A 100 12.27 -8.72 -11.04
CA GLY A 100 12.12 -8.46 -9.62
C GLY A 100 10.82 -8.94 -9.01
N CYS A 101 10.65 -8.66 -7.72
CA CYS A 101 9.37 -8.89 -7.08
C CYS A 101 9.02 -7.70 -6.21
N GLU A 102 7.70 -7.46 -6.09
CA GLU A 102 7.17 -6.55 -5.09
C GLU A 102 6.57 -7.40 -3.97
N VAL A 103 6.66 -6.92 -2.73
CA VAL A 103 5.91 -7.48 -1.60
C VAL A 103 5.08 -6.40 -0.89
N GLY A 104 4.04 -6.85 -0.19
CA GLY A 104 3.24 -5.99 0.66
C GLY A 104 3.96 -5.86 1.97
N SER A 105 3.40 -5.06 2.88
CA SER A 105 4.02 -4.78 4.18
C SER A 105 4.04 -6.02 5.09
N ASP A 106 3.18 -6.99 4.78
CA ASP A 106 3.23 -8.29 5.48
C ASP A 106 4.31 -9.21 4.93
N GLY A 107 5.11 -8.69 4.00
CA GLY A 107 6.27 -9.41 3.48
C GLY A 107 5.92 -10.54 2.52
N ARG A 108 4.71 -10.50 1.99
CA ARG A 108 4.24 -11.51 1.08
C ARG A 108 4.18 -10.94 -0.32
N LEU A 109 4.22 -11.83 -1.30
CA LEU A 109 4.35 -11.46 -2.70
C LEU A 109 3.07 -10.75 -3.17
N LEU A 110 3.22 -9.57 -3.76
CA LEU A 110 2.10 -8.89 -4.43
C LEU A 110 2.14 -9.13 -5.92
N ARG A 111 3.36 -9.19 -6.42
CA ARG A 111 3.59 -9.15 -7.84
C ARG A 111 5.00 -9.61 -8.10
N GLY A 112 5.17 -10.35 -9.19
CA GLY A 112 6.46 -10.73 -9.72
C GLY A 112 6.45 -10.25 -11.16
N TYR A 113 7.61 -9.92 -11.68
CA TYR A 113 7.70 -9.46 -13.04
C TYR A 113 9.06 -9.81 -13.64
N GLN A 114 9.06 -10.08 -14.93
CA GLN A 114 10.28 -10.20 -15.68
C GLN A 114 10.00 -9.92 -17.15
N GLN A 115 10.62 -8.86 -17.64
CA GLN A 115 10.27 -8.27 -18.91
C GLN A 115 11.54 -8.04 -19.68
N TYR A 116 11.51 -8.37 -20.97
CA TYR A 116 12.67 -8.25 -21.83
C TYR A 116 12.34 -7.30 -22.97
N ALA A 117 13.36 -6.58 -23.43
CA ALA A 117 13.22 -5.74 -24.61
C ALA A 117 14.49 -5.88 -25.45
N TYR A 118 14.30 -5.99 -26.76
CA TYR A 118 15.43 -5.99 -27.66
C TYR A 118 15.41 -4.69 -28.46
N ASP A 119 16.55 -4.01 -28.48
CA ASP A 119 16.69 -2.70 -29.12
C ASP A 119 15.62 -1.70 -28.71
N GLY A 120 15.20 -1.73 -27.45
CA GLY A 120 14.24 -0.78 -26.92
C GLY A 120 12.77 -1.06 -27.22
N CYS A 121 12.48 -2.19 -27.87
CA CYS A 121 11.11 -2.64 -28.10
C CYS A 121 10.86 -3.92 -27.34
N ASP A 122 9.62 -4.12 -26.93
CA ASP A 122 9.28 -5.27 -26.11
C ASP A 122 9.62 -6.53 -26.85
N TYR A 123 10.11 -7.53 -26.13
CA TYR A 123 10.38 -8.84 -26.71
C TYR A 123 9.50 -9.88 -26.03
N ILE A 124 9.72 -10.07 -24.74
CA ILE A 124 9.00 -11.09 -24.00
C ILE A 124 8.86 -10.66 -22.55
N ALA A 125 7.81 -11.16 -21.89
CA ALA A 125 7.54 -10.82 -20.49
C ALA A 125 6.81 -11.97 -19.82
N LEU A 126 7.17 -12.24 -18.56
CA LEU A 126 6.32 -13.12 -17.76
C LEU A 126 4.95 -12.42 -17.63
N ASN A 127 3.87 -13.18 -17.73
CA ASN A 127 2.55 -12.64 -17.44
C ASN A 127 2.32 -12.68 -15.95
N GLU A 128 1.33 -11.92 -15.48
CA GLU A 128 1.02 -11.77 -14.05
C GLU A 128 0.71 -13.09 -13.36
N ASP A 129 0.04 -13.99 -14.08
CA ASP A 129 -0.27 -15.33 -13.56
C ASP A 129 0.94 -16.07 -13.01
N LEU A 130 2.12 -15.87 -13.64
CA LEU A 130 3.43 -16.47 -13.25
C LEU A 130 3.46 -17.92 -13.74
N LYS A 131 2.92 -18.14 -14.93
CA LYS A 131 2.98 -19.45 -15.58
C LYS A 131 3.07 -19.34 -17.08
N THR A 132 2.68 -18.21 -17.65
CA THR A 132 2.66 -18.03 -19.10
C THR A 132 3.43 -16.77 -19.55
N TRP A 133 3.80 -16.76 -20.82
CA TRP A 133 4.58 -15.67 -21.41
C TRP A 133 3.74 -14.94 -22.46
N THR A 134 4.02 -13.66 -22.64
CA THR A 134 3.47 -12.88 -23.74
C THR A 134 4.66 -12.43 -24.55
N ALA A 135 4.62 -12.69 -25.86
CA ALA A 135 5.71 -12.40 -26.77
C ALA A 135 5.31 -11.25 -27.67
N ALA A 136 6.20 -10.27 -27.82
CA ALA A 136 5.84 -9.06 -28.55
C ALA A 136 5.73 -9.27 -30.07
N ASP A 137 6.33 -10.33 -30.60
CA ASP A 137 6.40 -10.54 -32.04
C ASP A 137 6.79 -11.98 -32.41
N MET A 138 6.90 -12.24 -33.71
CA MET A 138 7.28 -13.57 -34.22
C MET A 138 8.60 -14.13 -33.70
N ALA A 139 9.58 -13.27 -33.45
CA ALA A 139 10.88 -13.72 -32.94
C ALA A 139 10.71 -14.25 -31.52
N ALA A 140 10.09 -13.42 -30.67
CA ALA A 140 9.79 -13.77 -29.28
C ALA A 140 9.03 -15.07 -29.13
N LEU A 141 8.24 -15.45 -30.13
CA LEU A 141 7.54 -16.73 -30.07
C LEU A 141 8.53 -17.89 -30.01
N ILE A 142 9.58 -17.83 -30.81
CA ILE A 142 10.59 -18.90 -30.82
C ILE A 142 11.11 -19.06 -29.40
N THR A 143 11.53 -17.94 -28.79
CA THR A 143 11.98 -17.93 -27.41
C THR A 143 10.90 -18.51 -26.49
N LYS A 144 9.71 -17.95 -26.55
CA LYS A 144 8.57 -18.46 -25.81
C LYS A 144 8.51 -19.98 -25.84
N HIS A 145 8.57 -20.53 -27.04
CA HIS A 145 8.40 -21.98 -27.20
C HIS A 145 9.50 -22.73 -26.45
N LYS A 146 10.74 -22.22 -26.49
CA LYS A 146 11.85 -22.84 -25.75
C LYS A 146 11.59 -22.83 -24.24
N TRP A 147 11.07 -21.72 -23.73
CA TRP A 147 10.88 -21.59 -22.30
C TRP A 147 9.73 -22.46 -21.78
N GLU A 148 8.66 -22.55 -22.57
CA GLU A 148 7.59 -23.50 -22.30
C GLU A 148 8.12 -24.94 -22.28
N GLN A 149 8.83 -25.35 -23.33
CA GLN A 149 9.35 -26.72 -23.42
C GLN A 149 10.38 -27.03 -22.33
N ALA A 150 11.14 -26.03 -21.89
CA ALA A 150 12.16 -26.20 -20.82
C ALA A 150 11.64 -25.92 -19.44
N GLY A 151 10.41 -25.43 -19.35
CA GLY A 151 9.76 -25.15 -18.05
C GLY A 151 10.35 -23.97 -17.31
N GLU A 152 10.63 -22.89 -18.03
CA GLU A 152 11.33 -21.76 -17.43
C GLU A 152 10.44 -20.92 -16.52
N ALA A 153 9.18 -20.75 -16.92
CA ALA A 153 8.18 -20.06 -16.09
C ALA A 153 8.11 -20.61 -14.66
N GLU A 154 8.20 -21.94 -14.54
CA GLU A 154 8.11 -22.65 -13.25
C GLU A 154 9.36 -22.51 -12.42
N ARG A 155 10.50 -22.44 -13.11
CA ARG A 155 11.76 -22.12 -12.48
C ARG A 155 11.78 -20.66 -12.10
N LEU A 156 11.26 -19.81 -12.96
CA LEU A 156 11.17 -18.36 -12.67
C LEU A 156 10.21 -18.08 -11.53
N ARG A 157 9.15 -18.87 -11.44
CA ARG A 157 8.17 -18.74 -10.36
C ARG A 157 8.75 -19.20 -9.04
N ALA A 158 9.64 -20.16 -9.07
CA ALA A 158 10.29 -20.55 -7.83
C ALA A 158 11.12 -19.36 -7.33
N TYR A 159 11.75 -18.66 -8.28
CA TYR A 159 12.58 -17.49 -7.97
C TYR A 159 11.73 -16.29 -7.48
N LEU A 160 10.73 -15.90 -8.25
CA LEU A 160 9.90 -14.77 -7.83
C LEU A 160 9.18 -15.05 -6.47
N GLU A 161 8.77 -16.30 -6.25
CA GLU A 161 7.99 -16.69 -5.04
C GLU A 161 8.84 -17.07 -3.89
N GLY A 162 10.08 -17.46 -4.16
CA GLY A 162 10.97 -17.93 -3.11
C GLY A 162 12.15 -17.02 -2.98
N THR A 163 13.14 -17.25 -3.84
CA THR A 163 14.42 -16.58 -3.73
C THR A 163 14.26 -15.05 -3.72
N CYS A 164 13.50 -14.53 -4.66
CA CYS A 164 13.33 -13.08 -4.76
C CYS A 164 12.71 -12.47 -3.49
N VAL A 165 11.66 -13.10 -2.96
CA VAL A 165 10.96 -12.58 -1.78
C VAL A 165 11.79 -12.63 -0.49
N GLU A 166 12.35 -13.81 -0.23
CA GLU A 166 13.12 -14.03 0.99
C GLU A 166 14.35 -13.10 1.09
N TRP A 167 15.02 -12.88 -0.03
CA TRP A 167 16.11 -11.90 -0.09
C TRP A 167 15.62 -10.43 0.04
N LEU A 168 14.48 -10.08 -0.54
CA LEU A 168 13.90 -8.75 -0.30
C LEU A 168 13.66 -8.53 1.20
N ARG A 169 13.00 -9.48 1.85
CA ARG A 169 12.87 -9.44 3.31
C ARG A 169 14.23 -9.23 3.94
N ARG A 170 15.20 -10.05 3.55
CA ARG A 170 16.50 -9.95 4.17
C ARG A 170 17.02 -8.51 4.06
N TYR A 171 16.99 -7.96 2.84
CA TYR A 171 17.55 -6.63 2.58
C TYR A 171 16.82 -5.52 3.33
N LEU A 172 15.50 -5.56 3.36
CA LEU A 172 14.73 -4.59 4.11
C LEU A 172 15.21 -4.61 5.55
N LYS A 173 15.14 -5.77 6.16
CA LYS A 173 15.57 -5.94 7.54
C LYS A 173 17.03 -5.48 7.67
N ASN A 174 17.90 -5.96 6.79
CA ASN A 174 19.30 -5.54 6.86
C ASN A 174 19.53 -4.04 6.63
N GLY A 175 18.66 -3.42 5.83
CA GLY A 175 18.78 -1.99 5.51
C GLY A 175 17.57 -1.20 5.99
N ASN A 176 17.03 -1.62 7.12
CA ASN A 176 15.83 -0.99 7.66
C ASN A 176 15.96 0.54 7.80
N ALA A 177 17.04 0.98 8.43
CA ALA A 177 17.27 2.40 8.72
C ALA A 177 17.29 3.30 7.48
N THR A 178 17.75 2.74 6.36
CA THR A 178 17.86 3.48 5.12
C THR A 178 16.61 3.32 4.27
N LEU A 179 16.08 2.10 4.24
CA LEU A 179 15.01 1.75 3.32
C LEU A 179 13.62 2.04 3.88
N LEU A 180 13.44 1.93 5.19
CA LEU A 180 12.12 2.20 5.77
C LEU A 180 11.99 3.65 6.25
N ARG A 181 13.05 4.43 6.06
CA ARG A 181 13.01 5.86 6.41
C ARG A 181 12.11 6.63 5.48
N THR A 182 11.70 7.80 5.94
CA THR A 182 11.03 8.78 5.13
C THR A 182 11.67 10.15 5.37
N ASP A 183 12.13 10.79 4.30
CA ASP A 183 12.55 12.20 4.39
C ASP A 183 11.48 13.03 3.68
N SER A 184 11.07 14.13 4.31
CA SER A 184 9.96 14.93 3.80
C SER A 184 10.42 16.02 2.84
N PRO A 185 9.63 16.31 1.82
CA PRO A 185 9.97 17.43 0.97
C PRO A 185 10.06 18.79 1.69
N LYS A 186 11.10 19.56 1.38
CA LYS A 186 11.07 20.99 1.63
C LYS A 186 10.79 21.65 0.28
N ALA A 187 9.80 22.55 0.25
CA ALA A 187 9.36 23.18 -0.98
C ALA A 187 9.61 24.67 -0.97
N HIS A 188 9.78 25.24 -2.15
CA HIS A 188 9.92 26.69 -2.35
C HIS A 188 9.59 27.06 -3.78
N VAL A 189 9.15 28.30 -3.98
CA VAL A 189 8.61 28.73 -5.26
C VAL A 189 9.45 29.87 -5.84
N THR A 190 9.75 29.76 -7.12
CA THR A 190 10.62 30.72 -7.80
C THR A 190 9.85 31.42 -8.90
N HIS A 191 10.27 32.65 -9.20
CA HIS A 191 9.55 33.60 -10.08
C HIS A 191 10.41 33.97 -11.29
N HIS A 192 9.83 33.94 -12.49
CA HIS A 192 10.54 34.37 -13.69
C HIS A 192 9.68 35.21 -14.62
N SER A 193 10.27 36.22 -15.21
CA SER A 193 9.57 37.07 -16.14
C SER A 193 9.54 36.49 -17.54
N ARG A 194 8.71 37.06 -18.38
CA ARG A 194 8.70 36.69 -19.77
C ARG A 194 8.07 37.80 -20.52
N PRO A 195 7.73 37.50 -21.77
CA PRO A 195 6.86 38.34 -22.58
C PRO A 195 5.57 37.56 -22.83
N GLU A 196 4.53 38.22 -23.26
CA GLU A 196 4.37 39.63 -23.14
C GLU A 196 3.62 39.82 -21.82
N ASP A 197 4.35 40.17 -20.77
CA ASP A 197 3.76 40.52 -19.48
C ASP A 197 3.26 39.32 -18.71
N LYS A 198 3.94 38.20 -18.87
CA LYS A 198 3.58 36.97 -18.18
C LYS A 198 4.68 36.59 -17.20
N VAL A 199 4.48 35.49 -16.52
CA VAL A 199 5.34 35.09 -15.43
C VAL A 199 5.34 33.58 -15.25
N THR A 200 6.53 32.99 -15.14
CA THR A 200 6.66 31.57 -14.82
C THR A 200 6.82 31.38 -13.33
N LEU A 201 5.93 30.60 -12.76
CA LEU A 201 5.97 30.29 -11.34
C LEU A 201 6.40 28.84 -11.22
N ARG A 202 7.55 28.60 -10.59
CA ARG A 202 8.09 27.24 -10.51
C ARG A 202 8.17 26.78 -9.05
N CYS A 203 7.57 25.63 -8.79
CA CYS A 203 7.55 25.06 -7.45
C CYS A 203 8.53 23.91 -7.31
N TRP A 204 9.41 24.02 -6.33
CA TRP A 204 10.43 23.04 -6.08
C TRP A 204 10.08 22.18 -4.87
N ALA A 205 10.31 20.88 -4.97
CA ALA A 205 10.32 20.00 -3.81
C ALA A 205 11.69 19.34 -3.74
N LEU A 206 12.31 19.34 -2.56
CA LEU A 206 13.68 18.89 -2.40
C LEU A 206 13.88 17.98 -1.19
N GLY A 207 14.85 17.08 -1.32
CA GLY A 207 15.36 16.34 -0.18
C GLY A 207 14.52 15.19 0.28
N PHE A 208 13.63 14.68 -0.57
CA PHE A 208 12.63 13.72 -0.12
C PHE A 208 12.92 12.26 -0.47
N TYR A 209 12.43 11.37 0.39
CA TYR A 209 12.46 9.93 0.16
C TYR A 209 11.24 9.26 0.82
N PRO A 210 10.61 8.29 0.13
CA PRO A 210 10.89 7.73 -1.19
C PRO A 210 10.60 8.68 -2.35
N ALA A 211 10.89 8.23 -3.57
CA ALA A 211 10.87 9.08 -4.76
C ALA A 211 9.50 9.60 -5.13
N ASP A 212 8.49 8.94 -4.57
CA ASP A 212 7.10 9.22 -4.89
C ASP A 212 6.57 10.50 -4.25
N ILE A 213 5.94 11.32 -5.08
CA ILE A 213 5.53 12.67 -4.73
C ILE A 213 4.52 13.17 -5.77
N THR A 214 3.71 14.14 -5.40
CA THR A 214 2.78 14.79 -6.35
C THR A 214 2.84 16.29 -6.13
N LEU A 215 3.06 17.03 -7.22
CA LEU A 215 3.11 18.49 -7.23
C LEU A 215 2.03 19.00 -8.15
N THR A 216 1.19 19.90 -7.66
CA THR A 216 0.14 20.49 -8.47
C THR A 216 0.11 22.00 -8.26
N TRP A 217 -0.25 22.74 -9.30
CA TRP A 217 -0.58 24.16 -9.15
C TRP A 217 -2.11 24.36 -9.16
N GLN A 218 -2.57 25.37 -8.41
CA GLN A 218 -4.02 25.68 -8.35
C GLN A 218 -4.34 27.18 -8.55
N LEU A 219 -5.36 27.45 -9.36
CA LEU A 219 -6.02 28.75 -9.31
C LEU A 219 -7.35 28.61 -8.54
N ASN A 220 -7.26 28.86 -7.23
CA ASN A 220 -8.42 28.90 -6.34
C ASN A 220 -9.36 27.68 -6.43
N GLY A 221 -8.80 26.49 -6.26
CA GLY A 221 -9.59 25.27 -6.14
C GLY A 221 -9.34 24.27 -7.24
N GLU A 222 -9.43 24.74 -8.49
CA GLU A 222 -9.15 23.89 -9.65
C GLU A 222 -7.66 23.72 -9.86
N GLU A 223 -7.24 22.46 -9.94
CA GLU A 223 -5.87 22.08 -10.32
C GLU A 223 -5.60 22.45 -11.77
N LEU A 224 -4.34 22.75 -12.05
CA LEU A 224 -3.92 23.17 -13.38
C LEU A 224 -3.10 22.06 -14.03
N MET A 228 1.17 23.85 -16.97
CA MET A 228 1.90 23.00 -16.02
C MET A 228 3.01 22.23 -16.73
N GLU A 229 4.24 22.70 -16.55
CA GLU A 229 5.40 21.99 -17.05
C GLU A 229 6.03 21.35 -15.83
N LEU A 230 6.63 20.19 -16.02
CA LEU A 230 7.32 19.49 -14.93
C LEU A 230 8.53 18.68 -15.41
N VAL A 231 9.21 18.07 -14.47
CA VAL A 231 10.25 17.12 -14.75
C VAL A 231 9.94 15.86 -13.97
N GLU A 232 10.42 14.74 -14.49
CA GLU A 232 10.23 13.48 -13.83
C GLU A 232 10.99 13.58 -12.53
N THR A 233 10.44 12.99 -11.48
CA THR A 233 11.12 13.02 -10.20
C THR A 233 12.47 12.36 -10.43
N ARG A 234 13.48 12.84 -9.72
CA ARG A 234 14.85 12.59 -10.08
C ARG A 234 15.76 12.53 -8.86
N PRO A 235 16.75 11.61 -8.85
CA PRO A 235 17.72 11.43 -7.78
C PRO A 235 18.72 12.60 -7.63
N ALA A 236 19.02 12.96 -6.38
CA ALA A 236 19.84 14.15 -6.12
C ALA A 236 21.24 13.78 -5.65
N GLY A 237 21.58 12.50 -5.74
CA GLY A 237 22.99 12.09 -5.63
C GLY A 237 23.40 11.57 -4.27
N ASP A 238 22.48 11.68 -3.31
CA ASP A 238 22.72 11.26 -1.94
C ASP A 238 21.67 10.26 -1.48
N GLY A 239 20.86 9.75 -2.41
CA GLY A 239 19.78 8.84 -2.04
C GLY A 239 18.45 9.51 -1.74
N THR A 240 18.33 10.82 -1.97
CA THR A 240 17.04 11.50 -1.91
C THR A 240 16.70 11.99 -3.31
N PHE A 241 15.50 12.59 -3.47
CA PHE A 241 14.96 12.94 -4.77
C PHE A 241 14.41 14.37 -4.84
N GLN A 242 14.27 14.91 -6.05
CA GLN A 242 13.64 16.21 -6.22
C GLN A 242 12.77 16.27 -7.48
N LYS A 243 11.97 17.33 -7.56
CA LYS A 243 11.07 17.52 -8.66
C LYS A 243 10.76 19.00 -8.75
N TRP A 244 10.23 19.43 -9.88
CA TRP A 244 9.64 20.75 -9.98
C TRP A 244 8.51 20.79 -10.98
N ALA A 245 7.64 21.77 -10.76
CA ALA A 245 6.42 21.96 -11.54
C ALA A 245 6.21 23.45 -11.64
N SER A 246 5.95 23.93 -12.86
CA SER A 246 5.83 25.35 -13.11
C SER A 246 4.55 25.67 -13.86
N VAL A 247 4.03 26.87 -13.64
CA VAL A 247 2.89 27.37 -14.40
C VAL A 247 3.27 28.75 -14.86
N VAL A 248 2.75 29.13 -16.04
CA VAL A 248 2.89 30.50 -16.53
C VAL A 248 1.63 31.26 -16.13
N VAL A 249 1.79 32.31 -15.32
CA VAL A 249 0.65 33.14 -14.91
C VAL A 249 0.79 34.58 -15.41
N PRO A 250 -0.30 35.38 -15.24
CA PRO A 250 -0.27 36.80 -15.54
C PRO A 250 0.50 37.60 -14.51
N LEU A 251 1.26 38.59 -14.97
CA LEU A 251 1.98 39.49 -14.06
C LEU A 251 0.93 40.28 -13.27
N GLY A 252 1.06 40.31 -11.95
CA GLY A 252 0.05 40.92 -11.09
C GLY A 252 -1.04 40.01 -10.55
N LYS A 253 -1.05 38.73 -10.96
CA LYS A 253 -2.01 37.74 -10.44
C LYS A 253 -1.35 36.55 -9.73
N GLU A 254 -0.04 36.64 -9.48
CA GLU A 254 0.73 35.56 -8.84
C GLU A 254 0.12 35.06 -7.51
N GLN A 255 -0.44 35.98 -6.75
CA GLN A 255 -0.96 35.64 -5.42
C GLN A 255 -2.12 34.64 -5.45
N TYR A 256 -2.80 34.51 -6.58
CA TYR A 256 -3.95 33.60 -6.67
C TYR A 256 -3.55 32.18 -7.05
N TYR A 257 -2.26 31.88 -7.09
CA TYR A 257 -1.82 30.54 -7.46
C TYR A 257 -1.02 29.94 -6.34
N THR A 258 -1.31 28.69 -6.02
CA THR A 258 -0.54 27.99 -4.99
C THR A 258 -0.07 26.63 -5.45
N CYS A 259 1.05 26.21 -4.89
CA CYS A 259 1.66 24.92 -5.17
C CYS A 259 1.32 23.96 -4.02
N HIS A 260 0.90 22.73 -4.33
CA HIS A 260 0.58 21.71 -3.30
C HIS A 260 1.50 20.54 -3.47
N VAL A 261 2.03 20.03 -2.35
CA VAL A 261 2.98 18.93 -2.38
C VAL A 261 2.52 17.79 -1.49
N TYR A 262 2.26 16.63 -2.12
CA TYR A 262 1.82 15.44 -1.40
C TYR A 262 2.93 14.39 -1.36
N HIS A 263 3.29 13.94 -0.17
CA HIS A 263 4.34 12.95 -0.02
C HIS A 263 4.10 12.10 1.19
N GLN A 264 4.48 10.83 1.09
CA GLN A 264 4.51 9.90 2.22
C GLN A 264 5.00 10.53 3.54
N GLY A 265 5.80 11.58 3.48
CA GLY A 265 6.38 12.22 4.68
C GLY A 265 5.76 13.55 5.05
N LEU A 266 4.60 13.84 4.49
CA LEU A 266 3.87 15.05 4.81
C LEU A 266 2.48 14.67 5.27
N PRO A 267 2.26 14.58 6.61
CA PRO A 267 0.93 14.33 7.19
C PRO A 267 -0.14 15.26 6.64
N GLU A 268 0.19 16.55 6.56
CA GLU A 268 -0.62 17.50 5.80
C GLU A 268 0.19 17.91 4.56
N PRO A 269 -0.41 17.89 3.37
CA PRO A 269 0.35 18.32 2.21
C PRO A 269 0.67 19.81 2.27
N LEU A 270 1.80 20.20 1.68
CA LEU A 270 2.30 21.58 1.77
C LEU A 270 1.53 22.48 0.84
N THR A 271 1.32 23.72 1.27
CA THR A 271 0.74 24.75 0.42
C THR A 271 1.63 25.97 0.41
N LEU A 272 2.05 26.40 -0.77
CA LEU A 272 2.88 27.60 -0.88
C LEU A 272 2.61 28.39 -2.14
N ARG A 273 3.09 29.62 -2.11
CA ARG A 273 2.91 30.57 -3.20
C ARG A 273 4.13 31.46 -3.27
N TRP A 274 4.27 32.21 -4.36
CA TRP A 274 5.43 33.10 -4.55
C TRP A 274 5.42 34.21 -3.52
N ILE B 1 13.26 5.15 -32.54
CA ILE B 1 14.11 4.05 -31.99
C ILE B 1 15.41 4.60 -31.40
N GLN B 2 15.87 5.74 -31.92
CA GLN B 2 16.90 6.50 -31.25
C GLN B 2 16.20 7.66 -30.52
N LYS B 3 16.51 7.85 -29.24
CA LYS B 3 15.88 8.90 -28.44
C LYS B 3 16.93 9.85 -27.91
N THR B 4 16.59 11.14 -27.95
CA THR B 4 17.51 12.22 -27.63
C THR B 4 17.54 12.42 -26.12
N PRO B 5 18.75 12.45 -25.51
CA PRO B 5 18.81 12.66 -24.08
C PRO B 5 18.18 13.96 -23.67
N GLN B 6 17.56 13.94 -22.50
CA GLN B 6 17.21 15.15 -21.77
C GLN B 6 18.31 15.25 -20.73
N ILE B 7 18.89 16.45 -20.59
CA ILE B 7 19.99 16.70 -19.67
C ILE B 7 19.60 17.80 -18.70
N GLN B 8 19.49 17.44 -17.42
CA GLN B 8 19.12 18.38 -16.37
C GLN B 8 20.26 18.51 -15.36
N VAL B 9 20.62 19.75 -15.05
CA VAL B 9 21.68 20.03 -14.11
C VAL B 9 21.10 20.75 -12.92
N TYR B 10 21.52 20.34 -11.73
CA TYR B 10 20.90 20.81 -10.51
C TYR B 10 21.67 20.35 -9.29
N SER B 11 21.70 21.19 -8.27
CA SER B 11 22.41 20.88 -7.04
C SER B 11 21.45 20.18 -6.08
N ARG B 12 21.99 19.45 -5.13
CA ARG B 12 21.17 18.77 -4.14
C ARG B 12 20.45 19.79 -3.27
N HIS B 13 21.17 20.84 -2.87
CA HIS B 13 20.69 21.87 -1.97
C HIS B 13 20.57 23.18 -2.70
N PRO B 14 19.69 24.07 -2.21
CA PRO B 14 19.70 25.43 -2.79
C PRO B 14 21.13 25.99 -2.69
N PRO B 15 21.68 26.51 -3.81
CA PRO B 15 23.08 26.91 -3.80
C PRO B 15 23.37 28.13 -2.92
N GLU B 16 24.41 28.04 -2.10
CA GLU B 16 24.91 29.15 -1.29
C GLU B 16 26.43 29.15 -1.35
N ASN B 17 27.01 30.30 -1.66
CA ASN B 17 28.47 30.39 -1.85
C ASN B 17 29.23 29.95 -0.61
N GLY B 18 30.23 29.08 -0.81
CA GLY B 18 31.00 28.55 0.31
C GLY B 18 30.50 27.26 0.96
N LYS B 19 29.26 26.85 0.66
CA LYS B 19 28.66 25.64 1.27
C LYS B 19 28.85 24.38 0.42
N PRO B 20 29.42 23.32 1.00
CA PRO B 20 29.47 22.03 0.30
C PRO B 20 28.08 21.66 -0.22
N ASN B 21 28.02 21.14 -1.44
CA ASN B 21 26.78 20.76 -2.06
C ASN B 21 27.14 19.61 -3.01
N ILE B 22 26.14 19.03 -3.66
CA ILE B 22 26.38 18.02 -4.69
C ILE B 22 25.85 18.59 -6.00
N LEU B 23 26.64 18.52 -7.07
CA LEU B 23 26.13 18.94 -8.37
C LEU B 23 25.71 17.70 -9.07
N ASN B 24 24.54 17.72 -9.70
CA ASN B 24 23.99 16.56 -10.44
C ASN B 24 23.78 16.92 -11.89
N CYS B 25 24.00 15.92 -12.73
CA CYS B 25 23.63 15.97 -14.12
C CYS B 25 22.90 14.66 -14.39
N TYR B 26 21.60 14.73 -14.63
CA TYR B 26 20.77 13.55 -14.86
C TYR B 26 20.49 13.52 -16.33
N VAL B 27 20.86 12.41 -16.97
CA VAL B 27 20.80 12.30 -18.40
C VAL B 27 19.75 11.25 -18.62
N THR B 28 18.72 11.56 -19.38
CA THR B 28 17.49 10.73 -19.35
C THR B 28 16.86 10.50 -20.70
N GLN B 29 15.96 9.53 -20.74
CA GLN B 29 15.12 9.26 -21.89
C GLN B 29 15.96 9.07 -23.14
N PHE B 30 17.05 8.31 -23.06
CA PHE B 30 17.90 8.11 -24.24
C PHE B 30 18.01 6.65 -24.66
N HIS B 31 18.22 6.48 -25.97
CA HIS B 31 18.47 5.18 -26.59
C HIS B 31 19.14 5.49 -27.93
N PRO B 32 20.21 4.77 -28.32
CA PRO B 32 20.87 3.64 -27.67
C PRO B 32 21.50 4.05 -26.35
N PRO B 33 21.95 3.07 -25.55
CA PRO B 33 22.53 3.32 -24.23
C PRO B 33 23.96 3.91 -24.24
N HIS B 34 24.66 3.82 -25.37
CA HIS B 34 26.04 4.28 -25.40
C HIS B 34 25.98 5.79 -25.33
N ILE B 35 26.72 6.36 -24.38
CA ILE B 35 26.62 7.77 -24.10
C ILE B 35 27.86 8.22 -23.37
N GLU B 36 28.18 9.49 -23.50
CA GLU B 36 29.31 10.10 -22.82
C GLU B 36 28.83 11.32 -22.08
N ILE B 37 29.28 11.48 -20.85
CA ILE B 37 28.75 12.48 -19.93
C ILE B 37 29.94 13.03 -19.20
N GLN B 38 30.23 14.31 -19.42
CA GLN B 38 31.30 15.01 -18.72
C GLN B 38 30.67 16.16 -17.96
N MET B 39 31.03 16.28 -16.70
CA MET B 39 30.68 17.44 -15.91
C MET B 39 31.89 18.33 -15.96
N LEU B 40 31.65 19.64 -15.98
CA LEU B 40 32.70 20.62 -16.26
C LEU B 40 32.68 21.74 -15.25
N LYS B 41 33.83 22.09 -14.70
CA LYS B 41 33.96 23.30 -13.88
C LYS B 41 34.80 24.33 -14.66
N ASN B 42 34.22 25.51 -14.92
CA ASN B 42 34.82 26.53 -15.77
C ASN B 42 35.44 25.98 -17.08
N GLY B 43 34.67 25.13 -17.78
CA GLY B 43 35.07 24.55 -19.07
C GLY B 43 36.00 23.35 -18.97
N LYS B 44 36.44 23.04 -17.76
CA LYS B 44 37.43 22.00 -17.49
C LYS B 44 36.72 20.81 -16.84
N LYS B 45 37.01 19.60 -17.29
CA LYS B 45 36.27 18.43 -16.82
C LYS B 45 36.57 18.18 -15.34
N ILE B 46 35.54 17.78 -14.59
CA ILE B 46 35.66 17.50 -13.17
C ILE B 46 36.06 16.04 -13.02
N PRO B 47 37.16 15.76 -12.31
CA PRO B 47 37.63 14.39 -12.18
C PRO B 47 36.94 13.67 -11.02
N LYS B 48 36.76 12.37 -11.15
CA LYS B 48 36.02 11.60 -10.15
C LYS B 48 34.53 11.89 -10.01
N VAL B 49 33.86 11.96 -11.15
CA VAL B 49 32.42 12.13 -11.14
C VAL B 49 31.88 10.73 -10.93
N GLU B 50 30.79 10.60 -10.19
CA GLU B 50 30.21 9.28 -9.92
C GLU B 50 29.06 9.00 -10.87
N MET B 51 29.03 7.80 -11.46
CA MET B 51 27.89 7.37 -12.26
C MET B 51 27.02 6.48 -11.39
N SER B 52 25.76 6.86 -11.25
CA SER B 52 24.86 6.16 -10.36
C SER B 52 23.45 6.16 -10.89
N ASP B 53 22.61 5.35 -10.26
CA ASP B 53 21.19 5.36 -10.46
C ASP B 53 20.83 5.09 -11.91
N MET B 54 21.53 4.16 -12.53
CA MET B 54 21.19 3.75 -13.88
C MET B 54 19.90 2.96 -13.83
N SER B 55 18.90 3.38 -14.61
CA SER B 55 17.67 2.61 -14.78
C SER B 55 17.06 2.81 -16.18
N PHE B 56 15.94 2.13 -16.45
CA PHE B 56 15.11 2.42 -17.60
C PHE B 56 13.65 2.57 -17.24
N SER B 57 12.88 3.11 -18.18
CA SER B 57 11.47 3.35 -17.96
C SER B 57 10.60 2.31 -18.68
N LYS B 58 9.29 2.51 -18.63
CA LYS B 58 8.36 1.70 -19.38
C LYS B 58 8.76 1.60 -20.84
N ASP B 59 8.99 2.74 -21.48
CA ASP B 59 9.38 2.77 -22.90
C ASP B 59 10.83 2.28 -23.13
N TRP B 60 11.50 1.88 -22.07
CA TRP B 60 12.82 1.24 -22.11
C TRP B 60 13.98 2.20 -22.24
N SER B 61 13.70 3.50 -22.24
CA SER B 61 14.74 4.50 -22.44
C SER B 61 15.65 4.55 -21.22
N PHE B 62 16.91 4.92 -21.41
CA PHE B 62 17.86 4.87 -20.34
C PHE B 62 17.79 6.11 -19.48
N TYR B 63 18.20 5.93 -18.23
CA TYR B 63 18.28 6.99 -17.21
C TYR B 63 19.54 6.71 -16.44
N ILE B 64 20.35 7.75 -16.20
CA ILE B 64 21.55 7.59 -15.37
C ILE B 64 21.89 8.93 -14.76
N LEU B 65 22.53 8.89 -13.57
CA LEU B 65 22.90 10.09 -12.82
C LEU B 65 24.38 10.23 -12.80
N ALA B 66 24.84 11.42 -13.18
CA ALA B 66 26.20 11.80 -12.93
C ALA B 66 26.12 12.82 -11.82
N HIS B 67 27.04 12.76 -10.85
CA HIS B 67 27.03 13.72 -9.75
C HIS B 67 28.39 13.82 -9.11
N THR B 68 28.61 14.90 -8.37
CA THR B 68 29.93 15.19 -7.82
C THR B 68 29.81 16.22 -6.70
N GLU B 69 30.72 16.14 -5.73
CA GLU B 69 30.75 17.09 -4.60
C GLU B 69 31.39 18.38 -5.01
N PHE B 70 30.71 19.50 -4.78
CA PHE B 70 31.28 20.78 -5.16
C PHE B 70 30.90 21.87 -4.15
N THR B 71 31.74 22.90 -4.10
CA THR B 71 31.50 24.07 -3.29
C THR B 71 31.34 25.26 -4.25
N PRO B 72 30.10 25.74 -4.43
CA PRO B 72 29.88 26.82 -5.39
C PRO B 72 30.54 28.11 -4.94
N THR B 73 31.05 28.87 -5.89
CA THR B 73 31.48 30.24 -5.66
C THR B 73 30.67 31.12 -6.60
N GLU B 74 30.78 32.43 -6.46
CA GLU B 74 30.05 33.33 -7.38
C GLU B 74 30.56 33.26 -8.82
N THR B 75 31.88 33.15 -8.99
CA THR B 75 32.49 33.24 -10.34
C THR B 75 32.40 31.93 -11.11
N ASP B 76 32.50 30.82 -10.39
CA ASP B 76 32.55 29.50 -11.02
C ASP B 76 31.27 29.21 -11.76
N THR B 77 31.40 28.44 -12.84
CA THR B 77 30.27 28.03 -13.65
C THR B 77 30.45 26.57 -13.93
N TYR B 78 29.33 25.85 -13.96
CA TYR B 78 29.31 24.40 -14.06
C TYR B 78 28.41 24.02 -15.18
N ALA B 79 28.78 22.98 -15.91
CA ALA B 79 27.94 22.49 -17.00
C ALA B 79 28.12 20.98 -17.10
N CYS B 80 27.29 20.39 -17.93
CA CYS B 80 27.33 18.99 -18.20
C CYS B 80 27.29 18.88 -19.70
N ARG B 81 28.23 18.13 -20.28
CA ARG B 81 28.32 17.95 -21.73
C ARG B 81 28.08 16.49 -22.02
N VAL B 82 27.19 16.21 -22.98
CA VAL B 82 26.85 14.86 -23.33
C VAL B 82 26.95 14.62 -24.84
N LYS B 83 27.76 13.63 -25.22
CA LYS B 83 27.82 13.12 -26.59
C LYS B 83 27.03 11.81 -26.70
N HIS B 84 25.95 11.84 -27.47
CA HIS B 84 25.11 10.67 -27.71
C HIS B 84 24.87 10.60 -29.21
N ASP B 85 24.68 9.40 -29.75
CA ASP B 85 24.58 9.21 -31.21
C ASP B 85 23.38 9.88 -31.88
N SER B 86 22.40 10.32 -31.10
CA SER B 86 21.21 11.03 -31.62
C SER B 86 21.38 12.55 -31.83
N MET B 87 22.60 13.06 -31.62
CA MET B 87 22.82 14.51 -31.58
C MET B 87 23.99 14.92 -32.45
N ALA B 88 23.69 15.78 -33.41
CA ALA B 88 24.69 16.31 -34.33
C ALA B 88 25.95 16.68 -33.56
N GLU B 89 25.78 17.57 -32.59
CA GLU B 89 26.89 18.02 -31.75
C GLU B 89 26.74 17.59 -30.28
N PRO B 90 27.83 17.67 -29.50
CA PRO B 90 27.75 17.46 -28.07
C PRO B 90 27.04 18.62 -27.36
N LYS B 91 25.98 18.31 -26.63
CA LYS B 91 25.16 19.32 -26.00
C LYS B 91 25.64 19.59 -24.58
N THR B 92 25.97 20.86 -24.33
CA THR B 92 26.28 21.35 -23.00
C THR B 92 25.04 22.00 -22.39
N VAL B 93 24.59 21.49 -21.23
CA VAL B 93 23.58 22.16 -20.42
C VAL B 93 24.26 22.74 -19.20
N TYR B 94 24.11 24.06 -19.03
CA TYR B 94 24.75 24.81 -17.95
C TYR B 94 23.90 24.78 -16.70
N TRP B 95 24.55 24.82 -15.54
CA TRP B 95 23.86 24.91 -14.28
C TRP B 95 23.29 26.31 -14.04
N ASP B 96 21.98 26.41 -13.84
CA ASP B 96 21.30 27.66 -13.55
C ASP B 96 20.88 27.71 -12.09
N ARG B 97 21.65 28.40 -11.26
CA ARG B 97 21.43 28.41 -9.81
C ARG B 97 20.19 29.22 -9.38
N ASP B 98 19.66 30.04 -10.29
CA ASP B 98 18.44 30.79 -10.04
C ASP B 98 17.19 30.05 -10.52
N MET B 99 17.38 28.93 -11.20
CA MET B 99 16.23 28.18 -11.75
C MET B 99 15.20 27.90 -10.66
N GLY C 1 1.55 3.33 4.74
CA GLY C 1 0.46 2.56 4.08
C GLY C 1 -0.73 3.45 3.76
N PRO C 2 -1.74 2.88 3.11
CA PRO C 2 -3.00 3.58 2.90
C PRO C 2 -3.86 3.52 4.17
N HIS C 3 -4.79 4.46 4.33
CA HIS C 3 -5.70 4.48 5.46
C HIS C 3 -7.14 4.75 5.07
N SER C 4 -8.05 4.47 5.99
CA SER C 4 -9.49 4.61 5.74
C SER C 4 -10.18 5.35 6.86
N LEU C 5 -11.19 6.13 6.46
CA LEU C 5 -12.25 6.57 7.37
C LEU C 5 -13.53 5.80 6.97
N ARG C 6 -14.19 5.15 7.92
CA ARG C 6 -15.44 4.42 7.63
C ARG C 6 -16.54 4.73 8.62
N TYR C 7 -17.73 5.01 8.14
CA TYR C 7 -18.89 5.03 9.00
C TYR C 7 -19.78 3.84 8.70
N PHE C 8 -20.07 3.05 9.73
CA PHE C 8 -21.09 2.02 9.67
C PHE C 8 -22.36 2.58 10.27
N VAL C 9 -23.42 2.66 9.48
CA VAL C 9 -24.66 3.34 9.87
C VAL C 9 -25.82 2.34 9.81
N THR C 10 -26.65 2.34 10.84
CA THR C 10 -27.74 1.40 10.95
C THR C 10 -28.98 2.07 11.55
N ALA C 11 -30.12 1.92 10.87
CA ALA C 11 -31.42 2.35 11.37
C ALA C 11 -32.33 1.13 11.39
N VAL C 12 -33.01 0.93 12.52
CA VAL C 12 -33.76 -0.29 12.77
C VAL C 12 -35.13 0.07 13.35
N SER C 13 -36.19 -0.16 12.58
CA SER C 13 -37.54 0.12 13.06
C SER C 13 -37.91 -0.85 14.16
N ARG C 14 -38.64 -0.36 15.16
CA ARG C 14 -39.21 -1.20 16.22
C ARG C 14 -40.68 -0.82 16.41
N PRO C 15 -41.54 -1.32 15.52
CA PRO C 15 -42.96 -0.94 15.56
C PRO C 15 -43.66 -1.43 16.83
N GLY C 16 -44.30 -0.47 17.52
CA GLY C 16 -44.95 -0.73 18.78
C GLY C 16 -44.08 -0.32 19.95
N LEU C 17 -42.77 -0.30 19.74
CA LEU C 17 -41.84 0.03 20.79
C LEU C 17 -41.23 1.43 20.58
N GLY C 18 -41.80 2.20 19.66
CA GLY C 18 -41.37 3.60 19.47
C GLY C 18 -40.51 3.86 18.25
N GLU C 19 -39.70 4.90 18.33
CA GLU C 19 -38.87 5.36 17.23
C GLU C 19 -37.78 4.35 16.85
N PRO C 20 -37.31 4.38 15.60
CA PRO C 20 -36.23 3.49 15.19
C PRO C 20 -34.92 3.75 15.93
N ARG C 21 -34.15 2.70 16.15
CA ARG C 21 -32.86 2.83 16.70
C ARG C 21 -31.90 3.31 15.62
N TYR C 22 -31.10 4.32 15.95
CA TYR C 22 -30.15 4.86 15.02
C TYR C 22 -28.74 4.83 15.59
N MET C 23 -27.85 4.17 14.87
CA MET C 23 -26.45 4.14 15.24
C MET C 23 -25.56 4.57 14.09
N GLU C 24 -24.54 5.36 14.43
CA GLU C 24 -23.42 5.59 13.53
C GLU C 24 -22.12 5.26 14.26
N VAL C 25 -21.34 4.35 13.70
CA VAL C 25 -20.04 4.01 14.24
C VAL C 25 -18.93 4.31 13.24
N GLY C 26 -17.94 5.10 13.64
CA GLY C 26 -16.83 5.44 12.75
C GLY C 26 -15.53 4.77 13.09
N TYR C 27 -14.81 4.36 12.06
CA TYR C 27 -13.45 3.83 12.23
C TYR C 27 -12.46 4.59 11.37
N VAL C 28 -11.25 4.81 11.91
CA VAL C 28 -10.07 5.09 11.12
C VAL C 28 -9.29 3.78 11.10
N ASP C 29 -9.07 3.26 9.91
CA ASP C 29 -8.47 1.95 9.71
C ASP C 29 -9.31 0.93 10.48
N ASP C 30 -8.69 0.18 11.40
CA ASP C 30 -9.36 -0.86 12.18
C ASP C 30 -9.69 -0.39 13.60
N THR C 31 -9.67 0.91 13.83
CA THR C 31 -9.89 1.45 15.15
C THR C 31 -11.18 2.25 15.19
N GLU C 32 -12.09 1.83 16.06
CA GLU C 32 -13.29 2.57 16.33
C GLU C 32 -12.87 3.85 17.01
N PHE C 33 -13.35 5.00 16.52
CA PHE C 33 -13.02 6.32 17.09
C PHE C 33 -14.21 7.24 17.39
N VAL C 34 -15.37 6.99 16.78
CA VAL C 34 -16.56 7.75 17.11
C VAL C 34 -17.86 6.90 17.06
N ARG C 35 -18.89 7.37 17.78
CA ARG C 35 -20.14 6.68 17.90
C ARG C 35 -21.32 7.59 18.35
N PHE C 36 -22.44 7.44 17.64
CA PHE C 36 -23.71 7.99 18.06
C PHE C 36 -24.71 6.85 18.16
N ASP C 37 -25.52 6.86 19.21
CA ASP C 37 -26.54 5.85 19.43
C ASP C 37 -27.78 6.54 19.95
N SER C 38 -28.88 6.46 19.20
CA SER C 38 -30.13 7.10 19.59
C SER C 38 -30.72 6.53 20.89
N ASP C 39 -30.25 5.36 21.33
CA ASP C 39 -30.70 4.77 22.61
C ASP C 39 -29.89 5.13 23.84
N ALA C 40 -28.83 5.93 23.66
CA ALA C 40 -28.03 6.42 24.76
C ALA C 40 -28.89 7.38 25.57
N GLU C 41 -28.51 7.61 26.83
CA GLU C 41 -29.29 8.43 27.77
C GLU C 41 -29.71 9.75 27.13
N ASN C 42 -28.72 10.47 26.59
CA ASN C 42 -28.95 11.73 25.88
C ASN C 42 -28.09 11.67 24.64
N PRO C 43 -28.67 11.27 23.51
CA PRO C 43 -27.87 10.89 22.35
C PRO C 43 -27.04 12.02 21.70
N ARG C 44 -25.74 11.86 21.69
CA ARG C 44 -24.82 12.77 21.01
C ARG C 44 -23.58 11.99 20.58
N TYR C 45 -22.87 12.51 19.57
CA TYR C 45 -21.60 11.92 19.17
C TYR C 45 -20.64 11.88 20.36
N GLU C 46 -19.91 10.80 20.50
CA GLU C 46 -18.97 10.62 21.60
C GLU C 46 -17.65 10.09 21.03
N PRO C 47 -16.53 10.43 21.67
CA PRO C 47 -15.29 9.84 21.25
C PRO C 47 -15.20 8.39 21.75
N ARG C 48 -14.60 7.55 20.92
CA ARG C 48 -14.31 6.16 21.23
C ARG C 48 -12.80 5.91 21.25
N ALA C 49 -12.04 6.93 20.85
CA ALA C 49 -10.59 6.87 20.83
C ALA C 49 -10.09 8.08 21.63
N ARG C 50 -9.06 7.86 22.45
CA ARG C 50 -8.55 8.89 23.37
C ARG C 50 -8.12 10.15 22.65
N TRP C 51 -7.49 9.97 21.50
CA TRP C 51 -7.00 11.07 20.69
C TRP C 51 -8.11 12.01 20.20
N MET C 52 -9.36 11.55 20.24
CA MET C 52 -10.47 12.38 19.81
C MET C 52 -10.92 13.33 20.89
N GLU C 53 -10.38 13.18 22.10
CA GLU C 53 -10.62 14.14 23.17
C GLU C 53 -10.08 15.52 22.79
N GLN C 54 -9.04 15.54 21.96
CA GLN C 54 -8.47 16.78 21.45
C GLN C 54 -9.51 17.67 20.79
N GLU C 55 -10.43 17.08 20.04
CA GLU C 55 -11.39 17.86 19.29
C GLU C 55 -12.26 18.66 20.22
N GLY C 56 -12.56 19.89 19.80
CA GLY C 56 -13.30 20.81 20.63
C GLY C 56 -14.80 20.61 20.51
N PRO C 57 -15.56 21.28 21.41
CA PRO C 57 -17.01 21.39 21.44
C PRO C 57 -17.68 21.61 20.09
N GLU C 58 -17.12 22.47 19.25
CA GLU C 58 -17.76 22.75 17.97
C GLU C 58 -17.80 21.50 17.08
N TYR C 59 -16.73 20.70 17.13
CA TYR C 59 -16.71 19.45 16.37
C TYR C 59 -17.82 18.52 16.85
N TRP C 60 -17.92 18.29 18.16
CA TRP C 60 -18.93 17.40 18.72
C TRP C 60 -20.37 17.89 18.48
N GLU C 61 -20.55 19.20 18.47
CA GLU C 61 -21.85 19.76 18.25
C GLU C 61 -22.21 19.57 16.78
N ARG C 62 -21.25 19.79 15.90
CA ARG C 62 -21.52 19.75 14.48
C ARG C 62 -21.79 18.32 13.99
N GLU C 63 -21.04 17.37 14.52
CA GLU C 63 -21.25 15.96 14.21
C GLU C 63 -22.57 15.43 14.82
N THR C 64 -22.89 15.88 16.04
CA THR C 64 -24.10 15.46 16.72
C THR C 64 -25.36 15.94 15.99
N GLN C 65 -25.38 17.18 15.53
CA GLN C 65 -26.56 17.66 14.82
C GLN C 65 -26.66 17.02 13.44
N LYS C 66 -25.52 16.79 12.81
CA LYS C 66 -25.48 15.97 11.58
C LYS C 66 -26.05 14.56 11.82
N ALA C 67 -25.63 13.93 12.92
CA ALA C 67 -26.14 12.63 13.32
C ALA C 67 -27.67 12.63 13.50
N LYS C 68 -28.18 13.66 14.19
CA LYS C 68 -29.60 13.80 14.48
C LYS C 68 -30.45 14.07 13.23
N GLY C 69 -29.89 14.79 12.27
CA GLY C 69 -30.54 14.94 10.97
C GLY C 69 -30.66 13.61 10.25
N ASN C 70 -29.53 12.90 10.14
CA ASN C 70 -29.49 11.57 9.57
C ASN C 70 -30.48 10.63 10.24
N GLU C 71 -30.56 10.63 11.56
CA GLU C 71 -31.57 9.82 12.27
C GLU C 71 -32.97 10.06 11.69
N GLN C 72 -33.27 11.33 11.42
CA GLN C 72 -34.57 11.71 10.92
C GLN C 72 -34.70 11.28 9.50
N SER C 73 -33.60 11.43 8.77
CA SER C 73 -33.53 11.08 7.36
C SER C 73 -33.81 9.60 7.16
N PHE C 74 -33.17 8.75 7.95
CA PHE C 74 -33.34 7.30 7.89
C PHE C 74 -34.68 6.84 8.46
N ARG C 75 -35.20 7.61 9.42
CA ARG C 75 -36.57 7.44 9.86
C ARG C 75 -37.53 7.51 8.65
N VAL C 76 -37.33 8.49 7.78
CA VAL C 76 -38.19 8.66 6.62
C VAL C 76 -37.98 7.54 5.60
N ASP C 77 -36.73 7.16 5.38
CA ASP C 77 -36.37 6.06 4.49
C ASP C 77 -37.05 4.78 4.88
N LEU C 78 -37.01 4.43 6.15
CA LEU C 78 -37.70 3.22 6.62
C LEU C 78 -39.19 3.24 6.23
N ARG C 79 -39.86 4.37 6.47
CA ARG C 79 -41.24 4.51 6.04
C ARG C 79 -41.37 4.52 4.51
N THR C 80 -40.44 5.17 3.83
CA THR C 80 -40.43 5.17 2.38
C THR C 80 -40.27 3.77 1.80
N LEU C 81 -39.32 3.01 2.32
CA LEU C 81 -39.05 1.67 1.79
C LEU C 81 -40.23 0.69 2.00
N LEU C 82 -40.99 0.83 3.09
CA LEU C 82 -42.24 0.09 3.25
C LEU C 82 -43.15 0.29 2.05
N GLY C 83 -43.28 1.52 1.61
CA GLY C 83 -43.99 1.83 0.37
C GLY C 83 -43.37 1.18 -0.84
N TYR C 84 -42.08 1.37 -1.04
CA TYR C 84 -41.38 0.80 -2.19
C TYR C 84 -41.60 -0.71 -2.29
N TYR C 85 -41.59 -1.40 -1.16
CA TYR C 85 -41.65 -2.87 -1.13
C TYR C 85 -43.03 -3.41 -0.71
N ASN C 86 -44.01 -2.53 -0.61
CA ASN C 86 -45.37 -2.93 -0.27
C ASN C 86 -45.39 -3.79 0.97
N GLN C 87 -44.70 -3.33 1.99
CA GLN C 87 -44.52 -4.07 3.23
C GLN C 87 -45.46 -3.58 4.32
N SER C 88 -45.95 -4.53 5.10
CA SER C 88 -46.72 -4.27 6.31
C SER C 88 -46.00 -3.28 7.16
N LYS C 89 -46.76 -2.57 8.00
CA LYS C 89 -46.24 -1.52 8.87
C LYS C 89 -46.04 -2.01 10.30
N GLY C 90 -45.99 -3.33 10.50
CA GLY C 90 -45.79 -3.92 11.83
C GLY C 90 -44.54 -4.76 12.03
N GLY C 91 -43.73 -4.95 10.98
CA GLY C 91 -42.45 -5.67 11.11
C GLY C 91 -41.26 -4.73 11.30
N SER C 92 -40.23 -5.21 11.99
CA SER C 92 -38.95 -4.49 12.09
C SER C 92 -38.14 -4.63 10.81
N HIS C 93 -37.59 -3.54 10.30
CA HIS C 93 -36.68 -3.59 9.15
C HIS C 93 -35.38 -2.82 9.41
N THR C 94 -34.35 -3.12 8.64
CA THR C 94 -33.04 -2.48 8.79
C THR C 94 -32.59 -1.81 7.51
N ILE C 95 -32.12 -0.58 7.66
CA ILE C 95 -31.22 0.03 6.68
C ILE C 95 -29.78 0.05 7.24
N GLN C 96 -28.83 -0.32 6.40
CA GLN C 96 -27.41 -0.23 6.70
C GLN C 96 -26.71 0.66 5.69
N VAL C 97 -25.73 1.44 6.16
CA VAL C 97 -24.90 2.23 5.30
C VAL C 97 -23.42 2.10 5.66
N ILE C 98 -22.62 1.81 4.64
CA ILE C 98 -21.18 1.92 4.71
C ILE C 98 -20.82 3.11 3.85
N SER C 99 -20.15 4.09 4.47
CA SER C 99 -19.73 5.30 3.84
C SER C 99 -18.32 5.62 4.32
N GLY C 100 -17.47 6.03 3.40
CA GLY C 100 -16.11 6.44 3.76
C GLY C 100 -15.18 6.71 2.58
N CYS C 101 -13.94 7.00 2.90
CA CYS C 101 -12.94 7.11 1.87
C CYS C 101 -11.66 6.44 2.30
N GLU C 102 -10.94 5.89 1.33
CA GLU C 102 -9.57 5.41 1.56
C GLU C 102 -8.65 6.45 0.94
N VAL C 103 -7.47 6.65 1.54
CA VAL C 103 -6.38 7.43 0.94
C VAL C 103 -5.10 6.60 0.92
N GLY C 104 -4.20 6.96 0.00
CA GLY C 104 -2.87 6.38 -0.04
C GLY C 104 -1.97 7.05 0.97
N SER C 105 -0.71 6.63 1.03
CA SER C 105 0.21 7.17 2.03
C SER C 105 0.62 8.61 1.73
N ASP C 106 0.43 9.04 0.49
CA ASP C 106 0.59 10.46 0.13
C ASP C 106 -0.60 11.33 0.55
N GLY C 107 -1.60 10.72 1.21
CA GLY C 107 -2.77 11.44 1.69
C GLY C 107 -3.77 11.82 0.62
N ARG C 108 -3.70 11.16 -0.53
CA ARG C 108 -4.63 11.42 -1.63
C ARG C 108 -5.62 10.28 -1.79
N LEU C 109 -6.77 10.61 -2.36
CA LEU C 109 -7.92 9.71 -2.45
C LEU C 109 -7.56 8.52 -3.36
N LEU C 110 -7.76 7.31 -2.85
CA LEU C 110 -7.64 6.07 -3.65
C LEU C 110 -9.01 5.60 -4.09
N ARG C 111 -9.96 5.78 -3.19
CA ARG C 111 -11.25 5.18 -3.34
C ARG C 111 -12.22 5.90 -2.39
N GLY C 112 -13.43 6.07 -2.88
CA GLY C 112 -14.56 6.54 -2.09
C GLY C 112 -15.66 5.51 -2.27
N TYR C 113 -16.48 5.34 -1.25
CA TYR C 113 -17.50 4.35 -1.31
C TYR C 113 -18.70 4.77 -0.46
N GLN C 114 -19.89 4.42 -0.94
CA GLN C 114 -21.08 4.53 -0.16
C GLN C 114 -22.13 3.52 -0.61
N GLN C 115 -22.48 2.63 0.29
CA GLN C 115 -23.22 1.45 -0.04
C GLN C 115 -24.36 1.33 0.97
N TYR C 116 -25.53 0.99 0.48
CA TYR C 116 -26.72 0.82 1.28
C TYR C 116 -27.22 -0.60 1.13
N ALA C 117 -27.83 -1.11 2.19
CA ALA C 117 -28.51 -2.37 2.13
C ALA C 117 -29.81 -2.23 2.92
N TYR C 118 -30.88 -2.82 2.41
CA TYR C 118 -32.12 -2.89 3.15
C TYR C 118 -32.36 -4.35 3.53
N ASP C 119 -32.68 -4.55 4.82
CA ASP C 119 -32.88 -5.89 5.39
C ASP C 119 -31.77 -6.91 5.05
N GLY C 120 -30.53 -6.43 5.02
CA GLY C 120 -29.40 -7.28 4.72
C GLY C 120 -29.09 -7.61 3.27
N CYS C 121 -29.83 -7.01 2.33
CA CYS C 121 -29.59 -7.17 0.90
C CYS C 121 -29.29 -5.84 0.26
N ASP C 122 -28.44 -5.88 -0.76
CA ASP C 122 -27.99 -4.67 -1.37
C ASP C 122 -29.17 -3.82 -1.81
N TYR C 123 -29.05 -2.51 -1.67
CA TYR C 123 -30.06 -1.60 -2.18
C TYR C 123 -29.42 -0.72 -3.24
N ILE C 124 -28.46 0.10 -2.84
CA ILE C 124 -27.87 1.06 -3.75
C ILE C 124 -26.43 1.35 -3.30
N ALA C 125 -25.60 1.75 -4.26
CA ALA C 125 -24.20 2.00 -4.00
C ALA C 125 -23.69 3.06 -4.94
N LEU C 126 -22.85 3.95 -4.44
CA LEU C 126 -22.07 4.79 -5.36
C LEU C 126 -21.16 3.86 -6.15
N ASN C 127 -21.02 4.10 -7.44
CA ASN C 127 -20.07 3.37 -8.25
C ASN C 127 -18.72 4.00 -8.08
N GLU C 128 -17.67 3.28 -8.49
CA GLU C 128 -16.27 3.72 -8.32
C GLU C 128 -15.99 5.05 -9.00
N ASP C 129 -16.61 5.27 -10.15
CA ASP C 129 -16.47 6.54 -10.89
C ASP C 129 -16.74 7.78 -10.01
N LEU C 130 -17.70 7.67 -9.10
CA LEU C 130 -18.12 8.74 -8.17
C LEU C 130 -19.03 9.74 -8.89
N LYS C 131 -19.84 9.24 -9.81
CA LYS C 131 -20.81 10.04 -10.51
C LYS C 131 -22.10 9.30 -10.77
N THR C 132 -22.06 7.96 -10.73
CA THR C 132 -23.23 7.13 -11.05
C THR C 132 -23.52 6.12 -9.95
N TRP C 133 -24.76 5.64 -9.93
CA TRP C 133 -25.25 4.69 -8.93
C TRP C 133 -25.58 3.37 -9.58
N THR C 134 -25.45 2.30 -8.80
CA THR C 134 -25.91 0.97 -9.20
C THR C 134 -26.97 0.61 -8.18
N ALA C 135 -28.15 0.23 -8.67
CA ALA C 135 -29.28 -0.12 -7.82
C ALA C 135 -29.49 -1.62 -7.85
N ALA C 136 -29.78 -2.22 -6.72
CA ALA C 136 -29.84 -3.70 -6.65
C ALA C 136 -31.14 -4.26 -7.19
N ASP C 137 -32.16 -3.42 -7.32
CA ASP C 137 -33.49 -3.87 -7.71
C ASP C 137 -34.39 -2.71 -8.11
N MET C 138 -35.64 -3.04 -8.48
CA MET C 138 -36.65 -2.07 -8.91
C MET C 138 -36.94 -0.95 -7.92
N ALA C 139 -36.89 -1.24 -6.62
CA ALA C 139 -37.14 -0.22 -5.61
C ALA C 139 -35.98 0.81 -5.62
N ALA C 140 -34.75 0.30 -5.57
CA ALA C 140 -33.56 1.15 -5.61
C ALA C 140 -33.52 2.07 -6.82
N LEU C 141 -34.17 1.67 -7.92
CA LEU C 141 -34.24 2.53 -9.09
C LEU C 141 -34.96 3.83 -8.77
N ILE C 142 -36.04 3.75 -8.02
CA ILE C 142 -36.81 4.94 -7.67
C ILE C 142 -35.93 5.92 -6.89
N THR C 143 -35.20 5.39 -5.90
CA THR C 143 -34.19 6.14 -5.17
C THR C 143 -33.13 6.68 -6.11
N LYS C 144 -32.53 5.81 -6.91
CA LYS C 144 -31.57 6.23 -7.93
C LYS C 144 -32.05 7.45 -8.68
N HIS C 145 -33.29 7.40 -9.17
CA HIS C 145 -33.83 8.47 -10.00
C HIS C 145 -33.94 9.79 -9.26
N LYS C 146 -34.31 9.72 -7.98
CA LYS C 146 -34.31 10.91 -7.12
C LYS C 146 -32.93 11.51 -6.92
N TRP C 147 -31.92 10.68 -6.72
CA TRP C 147 -30.57 11.17 -6.46
C TRP C 147 -29.95 11.78 -7.72
N GLU C 148 -30.18 11.15 -8.87
CA GLU C 148 -29.79 11.75 -10.16
C GLU C 148 -30.43 13.13 -10.37
N GLN C 149 -31.74 13.21 -10.14
CA GLN C 149 -32.46 14.48 -10.36
C GLN C 149 -32.07 15.57 -9.37
N ALA C 150 -31.71 15.18 -8.15
CA ALA C 150 -31.29 16.12 -7.12
C ALA C 150 -29.77 16.36 -7.10
N GLY C 151 -29.01 15.61 -7.88
CA GLY C 151 -27.56 15.79 -7.95
C GLY C 151 -26.83 15.36 -6.69
N GLU C 152 -27.19 14.19 -6.16
CA GLU C 152 -26.63 13.72 -4.91
C GLU C 152 -25.22 13.14 -5.08
N ALA C 153 -24.98 12.45 -6.20
CA ALA C 153 -23.63 11.93 -6.52
C ALA C 153 -22.57 13.02 -6.47
N GLU C 154 -22.91 14.20 -6.97
CA GLU C 154 -21.99 15.36 -7.06
C GLU C 154 -21.75 15.99 -5.69
N ARG C 155 -22.80 16.01 -4.88
CA ARG C 155 -22.69 16.41 -3.49
C ARG C 155 -21.88 15.36 -2.70
N LEU C 156 -22.15 14.09 -2.98
CA LEU C 156 -21.43 12.99 -2.34
C LEU C 156 -19.95 12.96 -2.73
N ARG C 157 -19.67 13.34 -3.98
CA ARG C 157 -18.31 13.44 -4.47
C ARG C 157 -17.57 14.61 -3.83
N ALA C 158 -18.27 15.69 -3.56
CA ALA C 158 -17.62 16.78 -2.86
C ALA C 158 -17.18 16.27 -1.48
N TYR C 159 -18.03 15.46 -0.85
CA TYR C 159 -17.75 14.88 0.45
C TYR C 159 -16.61 13.83 0.37
N LEU C 160 -16.72 12.85 -0.49
CA LEU C 160 -15.67 11.85 -0.59
C LEU C 160 -14.30 12.45 -1.00
N GLU C 161 -14.30 13.50 -1.83
CA GLU C 161 -13.06 14.10 -2.36
C GLU C 161 -12.52 15.21 -1.50
N GLY C 162 -13.39 15.80 -0.70
CA GLY C 162 -13.03 16.96 0.10
C GLY C 162 -13.15 16.63 1.56
N THR C 163 -14.37 16.74 2.08
CA THR C 163 -14.60 16.61 3.50
C THR C 163 -14.04 15.30 4.07
N CYS C 164 -14.35 14.19 3.42
CA CYS C 164 -13.92 12.89 3.92
C CYS C 164 -12.39 12.73 3.98
N VAL C 165 -11.70 13.20 2.95
CA VAL C 165 -10.23 13.09 2.88
C VAL C 165 -9.47 14.02 3.86
N GLU C 166 -9.88 15.29 3.89
CA GLU C 166 -9.25 16.27 4.77
C GLU C 166 -9.41 15.94 6.25
N TRP C 167 -10.57 15.42 6.63
CA TRP C 167 -10.76 14.90 7.99
C TRP C 167 -9.97 13.62 8.28
N LEU C 168 -9.89 12.69 7.32
CA LEU C 168 -9.02 11.51 7.50
C LEU C 168 -7.55 11.90 7.74
N ARG C 169 -7.03 12.82 6.92
CA ARG C 169 -5.73 13.43 7.18
C ARG C 169 -5.65 14.01 8.59
N ARG C 170 -6.65 14.79 8.98
CA ARG C 170 -6.65 15.37 10.33
C ARG C 170 -6.52 14.28 11.39
N TYR C 171 -7.37 13.26 11.29
CA TYR C 171 -7.43 12.20 12.30
C TYR C 171 -6.13 11.40 12.38
N LEU C 172 -5.57 11.06 11.24
CA LEU C 172 -4.31 10.32 11.21
C LEU C 172 -3.28 11.13 11.98
N LYS C 173 -3.09 12.37 11.55
CA LYS C 173 -2.17 13.29 12.20
C LYS C 173 -2.52 13.44 13.70
N ASN C 174 -3.77 13.67 14.02
CA ASN C 174 -4.19 13.78 15.43
C ASN C 174 -4.00 12.50 16.23
N GLY C 175 -4.14 11.35 15.58
CA GLY C 175 -4.03 10.05 16.23
C GLY C 175 -2.89 9.24 15.65
N ASN C 176 -1.81 9.93 15.30
CA ASN C 176 -0.64 9.30 14.71
C ASN C 176 -0.07 8.16 15.55
N ALA C 177 0.13 8.39 16.84
CA ALA C 177 0.76 7.39 17.73
C ALA C 177 -0.06 6.08 17.87
N THR C 178 -1.39 6.19 17.73
CA THR C 178 -2.28 5.04 17.83
C THR C 178 -2.53 4.41 16.47
N LEU C 179 -2.70 5.24 15.45
CA LEU C 179 -3.14 4.78 14.15
C LEU C 179 -1.98 4.35 13.26
N LEU C 180 -0.82 5.00 13.39
CA LEU C 180 0.33 4.62 12.55
C LEU C 180 1.25 3.62 13.23
N ARG C 181 0.89 3.19 14.43
CA ARG C 181 1.63 2.14 15.11
C ARG C 181 1.47 0.79 14.45
N THR C 182 2.39 -0.09 14.77
CA THR C 182 2.31 -1.50 14.43
C THR C 182 2.66 -2.31 15.67
N ASP C 183 1.76 -3.22 16.08
CA ASP C 183 2.08 -4.21 17.11
C ASP C 183 2.21 -5.55 16.39
N SER C 184 3.25 -6.31 16.72
CA SER C 184 3.55 -7.56 16.00
C SER C 184 2.89 -8.76 16.65
N PRO C 185 2.45 -9.73 15.85
CA PRO C 185 1.91 -10.94 16.45
C PRO C 185 2.90 -11.68 17.36
N LYS C 186 2.43 -12.18 18.49
CA LYS C 186 3.10 -13.27 19.19
C LYS C 186 2.27 -14.53 18.92
N ALA C 187 2.95 -15.58 18.44
CA ALA C 187 2.29 -16.82 18.03
C ALA C 187 2.66 -17.97 18.94
N HIS C 188 1.75 -18.94 19.04
CA HIS C 188 1.99 -20.18 19.78
C HIS C 188 1.03 -21.24 19.30
N VAL C 189 1.42 -22.51 19.48
CA VAL C 189 0.70 -23.63 18.89
C VAL C 189 0.20 -24.57 19.97
N THR C 190 -1.05 -25.00 19.86
CA THR C 190 -1.67 -25.83 20.87
C THR C 190 -2.04 -27.16 20.24
N HIS C 191 -2.12 -28.19 21.07
CA HIS C 191 -2.28 -29.60 20.65
C HIS C 191 -3.54 -30.22 21.27
N HIS C 192 -4.36 -30.86 20.45
CA HIS C 192 -5.54 -31.57 20.95
C HIS C 192 -5.70 -32.97 20.37
N SER C 193 -6.12 -33.90 21.22
CA SER C 193 -6.39 -35.25 20.79
C SER C 193 -7.76 -35.33 20.12
N ARG C 194 -7.89 -36.28 19.20
CA ARG C 194 -9.17 -36.67 18.68
C ARG C 194 -9.15 -38.16 18.54
N PRO C 195 -10.12 -38.66 17.83
CA PRO C 195 -10.01 -39.99 17.25
C PRO C 195 -10.08 -39.89 15.72
N GLU C 196 -9.82 -41.00 15.04
CA GLU C 196 -9.22 -42.13 15.65
C GLU C 196 -7.74 -41.91 15.44
N ASP C 197 -7.02 -41.61 16.51
CA ASP C 197 -5.58 -41.51 16.44
C ASP C 197 -5.16 -40.33 15.61
N LYS C 198 -5.89 -39.24 15.79
CA LYS C 198 -5.58 -38.01 15.09
C LYS C 198 -5.43 -36.86 16.10
N VAL C 199 -5.05 -35.70 15.59
CA VAL C 199 -4.60 -34.60 16.42
C VAL C 199 -4.94 -33.29 15.74
N THR C 200 -5.53 -32.35 16.49
CA THR C 200 -5.75 -30.99 16.02
C THR C 200 -4.61 -30.12 16.47
N LEU C 201 -3.97 -29.47 15.52
CA LEU C 201 -2.89 -28.53 15.80
C LEU C 201 -3.41 -27.14 15.55
N ARG C 202 -3.45 -26.30 16.57
CA ARG C 202 -4.04 -24.96 16.42
C ARG C 202 -2.96 -23.89 16.64
N CYS C 203 -2.84 -23.00 15.66
CA CYS C 203 -1.88 -21.91 15.72
C CYS C 203 -2.56 -20.59 16.09
N TRP C 204 -2.02 -19.95 17.13
CA TRP C 204 -2.54 -18.69 17.62
C TRP C 204 -1.63 -17.54 17.26
N ALA C 205 -2.22 -16.42 16.81
CA ALA C 205 -1.51 -15.16 16.71
C ALA C 205 -2.21 -14.16 17.63
N LEU C 206 -1.46 -13.39 18.41
CA LEU C 206 -2.03 -12.53 19.43
C LEU C 206 -1.37 -11.15 19.50
N GLY C 207 -2.18 -10.17 19.88
CA GLY C 207 -1.69 -8.88 20.25
C GLY C 207 -1.28 -8.00 19.11
N PHE C 208 -1.84 -8.20 17.92
CA PHE C 208 -1.31 -7.51 16.74
C PHE C 208 -2.15 -6.36 16.21
N TYR C 209 -1.48 -5.39 15.60
CA TYR C 209 -2.14 -4.28 14.93
C TYR C 209 -1.30 -3.76 13.77
N PRO C 210 -1.93 -3.46 12.60
CA PRO C 210 -3.36 -3.56 12.26
C PRO C 210 -3.91 -4.98 12.17
N ALA C 211 -5.23 -5.08 11.94
CA ALA C 211 -5.96 -6.35 11.98
C ALA C 211 -5.49 -7.36 10.94
N ASP C 212 -4.84 -6.87 9.90
CA ASP C 212 -4.45 -7.67 8.77
C ASP C 212 -3.30 -8.63 9.07
N ILE C 213 -3.50 -9.89 8.70
CA ILE C 213 -2.60 -10.98 9.05
C ILE C 213 -2.89 -12.18 8.15
N THR C 214 -1.92 -13.07 8.00
CA THR C 214 -2.12 -14.30 7.27
C THR C 214 -1.50 -15.43 8.08
N LEU C 215 -2.30 -16.47 8.34
CA LEU C 215 -1.86 -17.70 9.03
C LEU C 215 -2.00 -18.89 8.11
N THR C 216 -0.93 -19.63 7.90
CA THR C 216 -1.01 -20.84 7.08
C THR C 216 -0.36 -22.03 7.78
N TRP C 217 -0.86 -23.23 7.53
CA TRP C 217 -0.18 -24.45 7.95
C TRP C 217 0.55 -25.10 6.77
N GLN C 218 1.69 -25.73 7.03
CA GLN C 218 2.45 -26.42 5.96
C GLN C 218 2.86 -27.87 6.29
N LEU C 219 2.71 -28.76 5.32
CA LEU C 219 3.42 -30.03 5.36
C LEU C 219 4.58 -29.96 4.37
N ASN C 220 5.74 -29.55 4.89
CA ASN C 220 7.00 -29.52 4.15
C ASN C 220 6.96 -28.84 2.77
N GLY C 221 6.46 -27.60 2.74
CA GLY C 221 6.52 -26.77 1.54
C GLY C 221 5.15 -26.37 1.05
N GLU C 222 4.28 -27.36 0.86
CA GLU C 222 2.90 -27.10 0.41
C GLU C 222 2.03 -26.59 1.55
N GLU C 223 1.39 -25.45 1.31
CA GLU C 223 0.40 -24.88 2.21
C GLU C 223 -0.85 -25.77 2.25
N LEU C 224 -1.53 -25.75 3.37
CA LEU C 224 -2.70 -26.60 3.59
C LEU C 224 -3.95 -25.74 3.62
N MET C 228 -7.69 -27.24 7.34
CA MET C 228 -7.45 -25.87 7.79
C MET C 228 -8.75 -25.20 8.22
N GLU C 229 -8.97 -25.14 9.52
CA GLU C 229 -10.10 -24.40 10.07
C GLU C 229 -9.53 -23.11 10.60
N LEU C 230 -10.32 -22.04 10.53
CA LEU C 230 -9.89 -20.75 11.05
C LEU C 230 -11.06 -19.93 11.58
N VAL C 231 -10.71 -18.80 12.18
CA VAL C 231 -11.70 -17.81 12.57
C VAL C 231 -11.32 -16.52 11.89
N GLU C 232 -12.31 -15.67 11.68
CA GLU C 232 -12.06 -14.38 11.11
C GLU C 232 -11.26 -13.62 12.13
N THR C 233 -10.29 -12.84 11.66
CA THR C 233 -9.49 -12.04 12.57
C THR C 233 -10.46 -11.16 13.35
N ARG C 234 -10.14 -10.94 14.62
CA ARG C 234 -11.09 -10.47 15.58
C ARG C 234 -10.43 -9.57 16.65
N PRO C 235 -11.16 -8.54 17.09
CA PRO C 235 -10.70 -7.58 18.10
C PRO C 235 -10.59 -8.19 19.52
N ALA C 236 -9.55 -7.80 20.26
CA ALA C 236 -9.30 -8.41 21.57
C ALA C 236 -9.56 -7.43 22.72
N GLY C 237 -10.20 -6.31 22.40
CA GLY C 237 -10.84 -5.48 23.42
C GLY C 237 -10.01 -4.31 23.86
N ASP C 238 -8.79 -4.22 23.36
CA ASP C 238 -7.86 -3.18 23.72
C ASP C 238 -7.31 -2.47 22.50
N GLY C 239 -7.93 -2.69 21.35
CA GLY C 239 -7.44 -2.13 20.11
C GLY C 239 -6.49 -3.00 19.29
N THR C 240 -6.21 -4.21 19.76
CA THR C 240 -5.39 -5.15 19.00
C THR C 240 -6.28 -6.30 18.54
N PHE C 241 -5.71 -7.21 17.76
CA PHE C 241 -6.49 -8.29 17.14
C PHE C 241 -5.87 -9.69 17.31
N GLN C 242 -6.66 -10.72 17.09
CA GLN C 242 -6.16 -12.08 17.16
C GLN C 242 -6.86 -13.00 16.17
N LYS C 243 -6.26 -14.16 15.95
CA LYS C 243 -6.74 -15.10 14.96
C LYS C 243 -6.21 -16.47 15.30
N TRP C 244 -6.85 -17.51 14.80
CA TRP C 244 -6.27 -18.82 14.88
C TRP C 244 -6.60 -19.68 13.68
N ALA C 245 -5.72 -20.65 13.45
CA ALA C 245 -5.79 -21.54 12.30
C ALA C 245 -5.35 -22.91 12.77
N SER C 246 -6.15 -23.93 12.49
CA SER C 246 -5.88 -25.26 12.96
C SER C 246 -5.87 -26.22 11.80
N VAL C 247 -5.14 -27.32 11.98
CA VAL C 247 -5.16 -28.44 11.06
C VAL C 247 -5.29 -29.68 11.90
N VAL C 248 -5.92 -30.70 11.34
CA VAL C 248 -5.95 -32.03 11.95
C VAL C 248 -4.82 -32.85 11.32
N VAL C 249 -3.89 -33.34 12.13
CA VAL C 249 -2.80 -34.19 11.64
C VAL C 249 -2.80 -35.57 12.31
N PRO C 250 -1.97 -36.49 11.78
CA PRO C 250 -1.80 -37.81 12.37
C PRO C 250 -0.98 -37.78 13.66
N LEU C 251 -1.38 -38.58 14.63
CA LEU C 251 -0.65 -38.68 15.90
C LEU C 251 0.71 -39.29 15.55
N GLY C 252 1.79 -38.66 16.01
CA GLY C 252 3.14 -39.07 15.66
C GLY C 252 3.78 -38.43 14.44
N LYS C 253 3.04 -37.55 13.77
CA LYS C 253 3.58 -36.80 12.62
C LYS C 253 3.55 -35.29 12.82
N GLU C 254 3.21 -34.84 14.03
CA GLU C 254 3.10 -33.41 14.35
C GLU C 254 4.32 -32.57 13.90
N GLN C 255 5.50 -33.16 14.05
CA GLN C 255 6.75 -32.42 13.81
C GLN C 255 6.94 -31.99 12.37
N TYR C 256 6.19 -32.59 11.45
CA TYR C 256 6.31 -32.23 10.03
C TYR C 256 5.36 -31.08 9.60
N TYR C 257 4.68 -30.44 10.57
CA TYR C 257 3.77 -29.36 10.24
C TYR C 257 4.19 -28.09 10.93
N THR C 258 4.21 -27.00 10.18
CA THR C 258 4.55 -25.70 10.77
C THR C 258 3.54 -24.61 10.45
N CYS C 259 3.42 -23.68 11.38
CA CYS C 259 2.53 -22.53 11.23
C CYS C 259 3.35 -21.31 10.80
N HIS C 260 2.87 -20.58 9.80
CA HIS C 260 3.55 -19.37 9.30
C HIS C 260 2.67 -18.17 9.52
N VAL C 261 3.24 -17.09 10.07
CA VAL C 261 2.50 -15.88 10.35
C VAL C 261 3.11 -14.68 9.64
N TYR C 262 2.33 -14.08 8.75
CA TYR C 262 2.72 -12.91 8.01
C TYR C 262 1.94 -11.69 8.49
N HIS C 263 2.65 -10.65 8.90
CA HIS C 263 2.02 -9.42 9.37
C HIS C 263 2.91 -8.23 9.08
N GLN C 264 2.25 -7.11 8.77
CA GLN C 264 2.89 -5.79 8.69
C GLN C 264 4.01 -5.55 9.71
N GLY C 265 3.92 -6.16 10.88
CA GLY C 265 4.92 -5.96 11.95
C GLY C 265 5.94 -7.08 12.12
N LEU C 266 6.02 -7.98 11.13
CA LEU C 266 7.01 -9.08 11.13
C LEU C 266 7.89 -9.00 9.89
N PRO C 267 9.07 -8.36 10.01
CA PRO C 267 10.03 -8.29 8.91
C PRO C 267 10.30 -9.66 8.29
N GLU C 268 10.53 -10.67 9.13
CA GLU C 268 10.51 -12.07 8.67
C GLU C 268 9.26 -12.73 9.25
N PRO C 269 8.49 -13.45 8.41
CA PRO C 269 7.29 -14.10 8.96
C PRO C 269 7.65 -15.19 9.93
N LEU C 270 6.81 -15.41 10.93
CA LEU C 270 7.11 -16.38 12.00
C LEU C 270 6.93 -17.80 11.52
N THR C 271 7.76 -18.71 12.05
CA THR C 271 7.61 -20.13 11.79
C THR C 271 7.60 -20.88 13.11
N LEU C 272 6.56 -21.66 13.34
CA LEU C 272 6.50 -22.45 14.57
C LEU C 272 5.79 -23.76 14.39
N ARG C 273 5.98 -24.62 15.38
CA ARG C 273 5.43 -25.97 15.37
C ARG C 273 5.14 -26.39 16.81
N TRP C 274 4.40 -27.48 16.97
CA TRP C 274 4.02 -27.92 18.31
C TRP C 274 5.23 -28.38 19.11
N GLU C 275 5.31 -27.92 20.36
CA GLU C 275 6.35 -28.33 21.30
C GLU C 275 5.80 -29.35 22.32
N ILE D 1 -32.17 -14.96 5.06
CA ILE D 1 -32.33 -13.51 5.45
C ILE D 1 -32.17 -13.32 6.95
N GLN D 2 -32.48 -14.35 7.74
CA GLN D 2 -32.07 -14.37 9.13
C GLN D 2 -30.79 -15.22 9.23
N LYS D 3 -29.77 -14.71 9.91
CA LYS D 3 -28.49 -15.40 10.05
C LYS D 3 -28.19 -15.67 11.52
N THR D 4 -27.69 -16.87 11.79
CA THR D 4 -27.45 -17.34 13.15
C THR D 4 -26.11 -16.81 13.65
N PRO D 5 -26.07 -16.21 14.84
CA PRO D 5 -24.80 -15.71 15.34
C PRO D 5 -23.76 -16.80 15.52
N GLN D 6 -22.51 -16.45 15.23
CA GLN D 6 -21.38 -17.26 15.63
C GLN D 6 -20.86 -16.55 16.86
N ILE D 7 -20.61 -17.31 17.93
CA ILE D 7 -20.22 -16.76 19.24
C ILE D 7 -18.89 -17.35 19.64
N GLN D 8 -17.86 -16.52 19.67
CA GLN D 8 -16.52 -16.93 20.05
C GLN D 8 -16.08 -16.23 21.35
N VAL D 9 -15.56 -17.01 22.28
CA VAL D 9 -15.12 -16.52 23.57
C VAL D 9 -13.65 -16.78 23.69
N TYR D 10 -12.92 -15.78 24.15
CA TYR D 10 -11.46 -15.80 24.14
C TYR D 10 -10.88 -14.63 24.92
N SER D 11 -9.74 -14.87 25.55
CA SER D 11 -9.07 -13.84 26.33
C SER D 11 -8.05 -13.16 25.47
N ARG D 12 -7.72 -11.93 25.80
CA ARG D 12 -6.74 -11.15 25.08
C ARG D 12 -5.36 -11.80 25.15
N HIS D 13 -5.01 -12.27 26.34
CA HIS D 13 -3.73 -12.89 26.60
C HIS D 13 -3.88 -14.35 26.88
N PRO D 14 -2.83 -15.14 26.60
CA PRO D 14 -2.91 -16.54 27.09
C PRO D 14 -3.24 -16.55 28.59
N PRO D 15 -4.28 -17.31 28.98
CA PRO D 15 -4.72 -17.22 30.38
C PRO D 15 -3.68 -17.73 31.40
N GLU D 16 -3.43 -16.95 32.44
CA GLU D 16 -2.60 -17.39 33.58
C GLU D 16 -3.30 -16.97 34.86
N ASN D 17 -3.41 -17.89 35.81
CA ASN D 17 -4.13 -17.61 37.06
C ASN D 17 -3.52 -16.43 37.80
N GLY D 18 -4.35 -15.53 38.26
CA GLY D 18 -3.87 -14.34 38.97
C GLY D 18 -3.54 -13.11 38.13
N LYS D 19 -3.39 -13.26 36.80
CA LYS D 19 -3.04 -12.15 35.89
C LYS D 19 -4.26 -11.46 35.31
N PRO D 20 -4.37 -10.13 35.49
CA PRO D 20 -5.37 -9.34 34.76
C PRO D 20 -5.35 -9.64 33.28
N ASN D 21 -6.54 -9.80 32.69
CA ASN D 21 -6.67 -10.15 31.29
C ASN D 21 -7.98 -9.50 30.81
N ILE D 22 -8.30 -9.62 29.52
CA ILE D 22 -9.60 -9.17 29.02
C ILE D 22 -10.34 -10.38 28.46
N LEU D 23 -11.60 -10.55 28.84
CA LEU D 23 -12.39 -11.65 28.27
C LEU D 23 -13.20 -11.04 27.17
N ASN D 24 -13.21 -11.70 26.02
CA ASN D 24 -13.97 -11.25 24.87
C ASN D 24 -15.02 -12.28 24.50
N CYS D 25 -16.17 -11.76 24.08
CA CYS D 25 -17.22 -12.51 23.42
C CYS D 25 -17.55 -11.72 22.13
N TYR D 26 -17.17 -12.28 20.99
CA TYR D 26 -17.40 -11.67 19.69
C TYR D 26 -18.57 -12.44 19.09
N VAL D 27 -19.63 -11.70 18.75
CA VAL D 27 -20.88 -12.26 18.27
C VAL D 27 -20.96 -11.77 16.85
N THR D 28 -21.05 -12.69 15.91
CA THR D 28 -20.78 -12.36 14.51
C THR D 28 -21.77 -12.99 13.55
N GLN D 29 -21.75 -12.48 12.31
CA GLN D 29 -22.47 -13.03 11.20
C GLN D 29 -23.97 -13.18 11.50
N PHE D 30 -24.58 -12.18 12.14
CA PHE D 30 -26.00 -12.27 12.49
C PHE D 30 -26.89 -11.16 11.85
N HIS D 31 -28.13 -11.55 11.57
CA HIS D 31 -29.15 -10.69 11.05
C HIS D 31 -30.51 -11.35 11.40
N PRO D 32 -31.47 -10.60 11.94
CA PRO D 32 -31.52 -9.18 12.17
C PRO D 32 -30.50 -8.71 13.22
N PRO D 33 -30.31 -7.38 13.34
CA PRO D 33 -29.38 -6.81 14.30
C PRO D 33 -29.79 -6.91 15.76
N HIS D 34 -31.08 -7.08 16.04
CA HIS D 34 -31.53 -7.09 17.42
C HIS D 34 -30.97 -8.37 18.04
N ILE D 35 -30.32 -8.21 19.19
CA ILE D 35 -29.58 -9.27 19.82
C ILE D 35 -29.33 -8.93 21.28
N GLU D 36 -29.16 -9.95 22.09
CA GLU D 36 -28.87 -9.80 23.50
C GLU D 36 -27.65 -10.66 23.82
N ILE D 37 -26.72 -10.09 24.57
CA ILE D 37 -25.39 -10.67 24.81
C ILE D 37 -25.07 -10.44 26.27
N GLN D 38 -24.96 -11.52 27.02
CA GLN D 38 -24.59 -11.45 28.41
C GLN D 38 -23.32 -12.28 28.58
N MET D 39 -22.31 -11.70 29.23
CA MET D 39 -21.15 -12.43 29.64
C MET D 39 -21.45 -12.86 31.06
N LEU D 40 -20.96 -14.04 31.44
CA LEU D 40 -21.31 -14.65 32.71
C LEU D 40 -20.05 -15.11 33.42
N LYS D 41 -19.95 -14.84 34.72
CA LYS D 41 -18.93 -15.45 35.58
C LYS D 41 -19.65 -16.41 36.51
N ASN D 42 -19.28 -17.68 36.48
CA ASN D 42 -19.93 -18.73 37.29
C ASN D 42 -21.49 -18.71 37.25
N GLY D 43 -22.04 -18.53 36.06
CA GLY D 43 -23.48 -18.49 35.86
C GLY D 43 -24.14 -17.16 36.14
N LYS D 44 -23.38 -16.21 36.68
CA LYS D 44 -23.88 -14.91 37.10
C LYS D 44 -23.42 -13.88 36.07
N LYS D 45 -24.30 -12.94 35.72
CA LYS D 45 -23.95 -11.96 34.70
C LYS D 45 -22.87 -11.00 35.23
N ILE D 46 -21.94 -10.65 34.35
CA ILE D 46 -20.85 -9.74 34.68
C ILE D 46 -21.36 -8.34 34.38
N PRO D 47 -21.29 -7.44 35.38
CA PRO D 47 -21.79 -6.08 35.20
C PRO D 47 -20.74 -5.19 34.56
N LYS D 48 -21.17 -4.19 33.80
CA LYS D 48 -20.24 -3.32 33.09
C LYS D 48 -19.40 -4.18 32.16
N VAL D 49 -20.08 -4.78 31.19
CA VAL D 49 -19.43 -5.33 30.01
C VAL D 49 -19.48 -4.20 29.02
N GLU D 50 -18.45 -4.06 28.19
CA GLU D 50 -18.41 -3.02 27.15
C GLU D 50 -18.80 -3.58 25.80
N MET D 51 -19.70 -2.90 25.09
CA MET D 51 -20.02 -3.23 23.71
C MET D 51 -19.18 -2.34 22.82
N SER D 52 -18.45 -2.96 21.88
CA SER D 52 -17.53 -2.26 21.02
C SER D 52 -17.41 -2.93 19.69
N ASP D 53 -16.81 -2.20 18.76
CA ASP D 53 -16.37 -2.73 17.48
C ASP D 53 -17.55 -3.27 16.70
N MET D 54 -18.66 -2.54 16.72
CA MET D 54 -19.80 -2.90 15.90
C MET D 54 -19.47 -2.65 14.44
N SER D 55 -19.57 -3.67 13.60
CA SER D 55 -19.47 -3.48 12.16
C SER D 55 -20.36 -4.44 11.38
N PHE D 56 -20.34 -4.31 10.06
CA PHE D 56 -20.92 -5.34 9.19
C PHE D 56 -19.92 -5.80 8.16
N SER D 57 -20.24 -6.89 7.49
CA SER D 57 -19.39 -7.42 6.42
C SER D 57 -19.96 -7.08 5.06
N LYS D 58 -19.35 -7.65 4.02
CA LYS D 58 -19.86 -7.59 2.64
C LYS D 58 -21.30 -8.03 2.57
N ASP D 59 -21.59 -9.21 3.10
CA ASP D 59 -22.96 -9.74 3.10
C ASP D 59 -23.90 -9.00 4.08
N TRP D 60 -23.39 -7.96 4.74
CA TRP D 60 -24.17 -7.06 5.60
C TRP D 60 -24.43 -7.61 7.01
N SER D 61 -23.93 -8.80 7.31
CA SER D 61 -24.21 -9.39 8.63
C SER D 61 -23.53 -8.61 9.76
N PHE D 62 -24.14 -8.62 10.93
CA PHE D 62 -23.64 -7.80 11.99
C PHE D 62 -22.48 -8.47 12.72
N TYR D 63 -21.59 -7.63 13.24
CA TYR D 63 -20.42 -8.02 14.05
C TYR D 63 -20.41 -7.05 15.21
N ILE D 64 -20.22 -7.58 16.41
CA ILE D 64 -20.06 -6.73 17.59
C ILE D 64 -19.24 -7.47 18.66
N LEU D 65 -18.49 -6.70 19.45
CA LEU D 65 -17.63 -7.24 20.50
C LEU D 65 -18.20 -6.92 21.87
N ALA D 66 -18.30 -7.94 22.70
CA ALA D 66 -18.49 -7.73 24.12
C ALA D 66 -17.18 -8.09 24.80
N HIS D 67 -16.76 -7.29 25.74
CA HIS D 67 -15.53 -7.58 26.44
C HIS D 67 -15.48 -6.99 27.81
N THR D 68 -14.62 -7.55 28.65
CA THR D 68 -14.58 -7.16 30.03
C THR D 68 -13.24 -7.50 30.67
N GLU D 69 -12.83 -6.71 31.67
CA GLU D 69 -11.60 -6.99 32.40
C GLU D 69 -11.85 -8.10 33.40
N PHE D 70 -11.00 -9.12 33.40
CA PHE D 70 -11.15 -10.20 34.37
C PHE D 70 -9.80 -10.76 34.77
N THR D 71 -9.77 -11.33 35.97
CA THR D 71 -8.61 -12.06 36.46
C THR D 71 -9.02 -13.51 36.60
N PRO D 72 -8.54 -14.38 35.70
CA PRO D 72 -8.88 -15.79 35.80
C PRO D 72 -8.35 -16.46 37.05
N THR D 73 -9.12 -17.37 37.60
CA THR D 73 -8.69 -18.30 38.64
C THR D 73 -8.90 -19.69 38.07
N GLU D 74 -8.44 -20.73 38.77
CA GLU D 74 -8.66 -22.12 38.31
C GLU D 74 -10.14 -22.53 38.36
N THR D 75 -10.85 -22.13 39.40
CA THR D 75 -12.22 -22.62 39.65
C THR D 75 -13.25 -21.89 38.79
N ASP D 76 -13.04 -20.60 38.58
CA ASP D 76 -14.01 -19.79 37.88
C ASP D 76 -14.23 -20.23 36.45
N THR D 77 -15.46 -20.09 35.99
CA THR D 77 -15.83 -20.44 34.63
C THR D 77 -16.58 -19.26 34.05
N TYR D 78 -16.31 -19.00 32.78
CA TYR D 78 -16.85 -17.86 32.06
C TYR D 78 -17.57 -18.33 30.80
N ALA D 79 -18.67 -17.67 30.49
CA ALA D 79 -19.43 -17.98 29.30
C ALA D 79 -20.06 -16.72 28.75
N CYS D 80 -20.58 -16.85 27.54
CA CYS D 80 -21.29 -15.80 26.87
C CYS D 80 -22.60 -16.40 26.40
N ARG D 81 -23.71 -15.76 26.79
CA ARG D 81 -25.05 -16.21 26.44
C ARG D 81 -25.67 -15.18 25.49
N VAL D 82 -26.21 -15.65 24.38
CA VAL D 82 -26.78 -14.77 23.38
C VAL D 82 -28.19 -15.22 22.97
N LYS D 83 -29.16 -14.32 23.14
CA LYS D 83 -30.51 -14.49 22.62
C LYS D 83 -30.69 -13.68 21.32
N HIS D 84 -30.86 -14.39 20.22
CA HIS D 84 -31.11 -13.78 18.91
C HIS D 84 -32.33 -14.47 18.32
N ASP D 85 -33.09 -13.77 17.48
CA ASP D 85 -34.36 -14.31 16.96
C ASP D 85 -34.24 -15.54 16.07
N SER D 86 -33.03 -15.85 15.60
CA SER D 86 -32.77 -17.02 14.76
C SER D 86 -32.54 -18.33 15.54
N MET D 87 -32.71 -18.30 16.86
CA MET D 87 -32.32 -19.43 17.72
C MET D 87 -33.43 -19.82 18.67
N ALA D 88 -33.85 -21.08 18.56
CA ALA D 88 -34.88 -21.62 19.41
C ALA D 88 -34.63 -21.22 20.85
N GLU D 89 -33.45 -21.57 21.35
CA GLU D 89 -33.04 -21.22 22.73
C GLU D 89 -31.85 -20.25 22.76
N PRO D 90 -31.63 -19.58 23.90
CA PRO D 90 -30.41 -18.82 24.11
C PRO D 90 -29.17 -19.72 24.19
N LYS D 91 -28.19 -19.47 23.34
CA LYS D 91 -26.99 -20.25 23.26
C LYS D 91 -25.86 -19.68 24.16
N THR D 92 -25.43 -20.50 25.11
CA THR D 92 -24.25 -20.23 25.90
C THR D 92 -23.01 -20.86 25.25
N VAL D 93 -22.00 -20.06 24.92
CA VAL D 93 -20.68 -20.57 24.58
C VAL D 93 -19.71 -20.33 25.75
N TYR D 94 -19.12 -21.41 26.24
CA TYR D 94 -18.19 -21.38 27.37
C TYR D 94 -16.77 -21.05 26.92
N TRP D 95 -16.05 -20.34 27.77
CA TRP D 95 -14.65 -20.04 27.55
C TRP D 95 -13.78 -21.28 27.76
N ASP D 96 -13.01 -21.64 26.73
CA ASP D 96 -12.09 -22.77 26.78
C ASP D 96 -10.65 -22.24 26.80
N ARG D 97 -10.05 -22.26 27.97
CA ARG D 97 -8.70 -21.69 28.15
C ARG D 97 -7.59 -22.56 27.55
N ASP D 98 -7.90 -23.81 27.23
CA ASP D 98 -6.95 -24.71 26.61
C ASP D 98 -7.08 -24.70 25.10
N MET D 99 -8.08 -24.00 24.59
CA MET D 99 -8.32 -23.97 23.13
C MET D 99 -7.06 -23.54 22.43
N ALA E 1 18.79 -10.97 -4.42
CA ALA E 1 19.73 -11.76 -5.24
C ALA E 1 19.10 -12.02 -6.59
N VAL E 2 19.88 -11.84 -7.67
CA VAL E 2 19.39 -11.95 -9.05
C VAL E 2 19.06 -13.39 -9.46
N ASN E 4 19.30 -16.59 -12.16
CA ASN E 4 20.06 -17.14 -13.28
C ASN E 4 19.21 -17.05 -14.53
N PHE E 5 19.57 -16.17 -15.45
CA PHE E 5 18.77 -15.97 -16.66
C PHE E 5 18.95 -17.08 -17.70
N ALA E 6 17.85 -17.39 -18.38
CA ALA E 6 17.82 -18.40 -19.42
C ALA E 6 18.26 -17.78 -20.71
N THR E 7 18.51 -18.63 -21.71
CA THR E 7 18.82 -18.18 -23.07
C THR E 7 17.54 -18.17 -23.87
N MET E 8 17.55 -17.48 -25.01
CA MET E 8 16.31 -17.12 -25.71
C MET E 8 16.13 -17.80 -27.07
N ALA F 1 -15.21 12.95 9.71
CA ALA F 1 -16.53 13.60 9.89
C ALA F 1 -17.58 12.99 8.93
N VAL F 2 -18.76 12.69 9.45
CA VAL F 2 -19.79 11.98 8.69
C VAL F 2 -20.43 12.85 7.63
N ASN F 4 -23.78 14.07 5.43
CA ASN F 4 -25.21 14.29 5.59
C ASN F 4 -26.01 13.41 4.62
N PHE F 5 -26.68 12.39 5.16
CA PHE F 5 -27.38 11.40 4.34
C PHE F 5 -28.67 11.97 3.69
N ALA F 6 -28.78 11.74 2.39
CA ALA F 6 -29.97 12.10 1.62
C ALA F 6 -31.09 11.16 2.00
N THR F 7 -32.34 11.61 1.86
CA THR F 7 -33.48 10.69 1.98
C THR F 7 -33.61 9.89 0.72
N MET F 8 -34.04 8.65 0.89
CA MET F 8 -34.25 7.77 -0.22
C MET F 8 -35.67 8.01 -0.81
#